data_8BAV
#
_entry.id   8BAV
#
_cell.length_a   70.544
_cell.length_b   120.439
_cell.length_c   124.066
_cell.angle_alpha   90.00
_cell.angle_beta   90.00
_cell.angle_gamma   90.00
#
_symmetry.space_group_name_H-M   'P 21 21 21'
#
loop_
_entity.id
_entity.type
_entity.pdbx_description
1 polymer 'Green fluorescent protein,Synaptosomal-associated protein 25'
2 polymer Secretagogin
3 non-polymer 'ACETATE ION'
4 non-polymer 'CALCIUM ION'
5 non-polymer TRIS-HYDROXYMETHYL-METHYL-AMMONIUM
6 water water
#
loop_
_entity_poly.entity_id
_entity_poly.type
_entity_poly.pdbx_seq_one_letter_code
_entity_poly.pdbx_strand_id
1 'polypeptide(L)'
;SMASKGEELFTGVVPILVELDGDVNGHKFSVSGEGEGDATYGKLTLKFICTTGKLPVPWPTLVTTL(CRO)VQCFSRYPD
HMKRHDFFKSAMPEGYVQERTIFFKDDGNYKTRAEVKFEGDTLVNRIELKGIDFKEDGNILGHKLEYNYNSHNVYIMADK
QKNGIKVNFKTRHNIEDGSVQLADHYQQNTPIGDGPVLLPDNHYLSTQSALSKDPNEKRDHMVLLEFVTAAGTMAGIIGN
LRHMALDMGNEIDTQNRQID
;
A,B
2 'polypeptide(L)'
;MDSSREPTLGRLDAAGFWQVWQRFDADEKGYIEEKELDAFFLHMLMKLGTDDTVMKANLHKVKQQFMTTQDASKDGRIRM
KELAGMFLSEDENFLLLFRRENPLDSSVEFMQIWRKYDADSSGFISAAELRNFLRDLFLHHKKAISEAKLEEYTGTMMKI
FDRNKDGRLDLNDLARILALQENFLLQFKMDACSTEERKRDFEKIFAYYDVSKTGALEGPEVDGFVKDMMELVQPSISGV
DLDKFREILLRHCDVNKDGKIQKSELALCLGLKINP
;
C,D
#
# COMPACT_ATOMS: atom_id res chain seq x y z
N SER A 4 -15.24 -12.89 -6.97
CA SER A 4 -15.75 -14.28 -6.65
C SER A 4 -17.02 -14.26 -5.83
N LYS A 5 -17.78 -15.35 -5.89
CA LYS A 5 -18.98 -15.49 -5.05
C LYS A 5 -18.61 -15.74 -3.59
N GLY A 6 -17.51 -16.44 -3.33
CA GLY A 6 -17.11 -16.71 -1.97
C GLY A 6 -16.93 -15.45 -1.14
N GLU A 7 -16.47 -14.40 -1.78
CA GLU A 7 -16.28 -13.12 -1.12
C GLU A 7 -17.52 -12.62 -0.37
N GLU A 8 -18.72 -12.83 -0.91
CA GLU A 8 -19.92 -12.31 -0.25
C GLU A 8 -20.25 -13.01 1.05
N LEU A 9 -19.75 -14.23 1.25
CA LEU A 9 -19.90 -14.93 2.52
C LEU A 9 -19.26 -14.19 3.70
N PHE A 10 -18.29 -13.32 3.45
CA PHE A 10 -17.56 -12.64 4.53
C PHE A 10 -17.96 -11.17 4.76
N THR A 11 -19.12 -10.78 4.21
CA THR A 11 -19.67 -9.42 4.30
C THR A 11 -19.57 -8.83 5.71
N GLY A 12 -20.06 -9.58 6.69
CA GLY A 12 -20.17 -9.07 8.06
C GLY A 12 -19.43 -9.95 9.04
N VAL A 13 -20.06 -10.20 10.17
CA VAL A 13 -19.45 -10.96 11.26
C VAL A 13 -19.78 -12.41 11.06
N VAL A 14 -18.77 -13.26 11.06
CA VAL A 14 -18.89 -14.69 10.78
C VAL A 14 -18.35 -15.48 11.99
N PRO A 15 -19.14 -16.41 12.55
CA PRO A 15 -18.61 -17.21 13.65
C PRO A 15 -17.56 -18.25 13.19
N ILE A 16 -16.63 -18.60 14.07
CA ILE A 16 -15.50 -19.48 13.71
C ILE A 16 -15.38 -20.60 14.75
N LEU A 17 -15.10 -21.81 14.27
CA LEU A 17 -14.75 -22.93 15.16
C LEU A 17 -13.44 -23.56 14.72
N VAL A 18 -12.63 -23.98 15.68
CA VAL A 18 -11.32 -24.57 15.39
C VAL A 18 -11.15 -25.84 16.20
N GLU A 19 -10.67 -26.91 15.56
CA GLU A 19 -10.34 -28.18 16.23
C GLU A 19 -8.99 -28.64 15.77
N LEU A 20 -8.13 -28.92 16.73
CA LEU A 20 -6.80 -29.43 16.45
C LEU A 20 -6.56 -30.71 17.24
N ASP A 21 -6.10 -31.75 16.55
N ASP A 21 -6.08 -31.73 16.53
CA ASP A 21 -5.59 -32.94 17.22
CA ASP A 21 -5.58 -32.97 17.12
C ASP A 21 -4.10 -32.91 16.95
C ASP A 21 -4.08 -32.89 16.94
N GLY A 22 -3.32 -32.96 18.03
CA GLY A 22 -1.87 -32.78 17.98
C GLY A 22 -1.10 -33.93 18.61
N ASP A 23 0.13 -34.11 18.14
CA ASP A 23 1.05 -35.09 18.66
C ASP A 23 2.46 -34.56 18.45
N VAL A 24 3.15 -34.24 19.55
CA VAL A 24 4.49 -33.68 19.48
C VAL A 24 5.41 -34.55 20.32
N ASN A 25 6.42 -35.14 19.67
CA ASN A 25 7.32 -36.11 20.31
C ASN A 25 6.55 -37.15 21.16
N GLY A 26 5.41 -37.56 20.65
CA GLY A 26 4.55 -38.51 21.34
C GLY A 26 3.58 -37.97 22.34
N HIS A 27 3.77 -36.72 22.78
CA HIS A 27 2.78 -36.03 23.64
C HIS A 27 1.55 -35.67 22.85
N LYS A 28 0.43 -36.29 23.17
CA LYS A 28 -0.85 -36.05 22.49
C LYS A 28 -1.64 -34.93 23.19
N PHE A 29 -2.30 -34.11 22.39
CA PHE A 29 -3.13 -33.03 22.94
C PHE A 29 -4.18 -32.64 21.93
N SER A 30 -5.23 -32.01 22.43
CA SER A 30 -6.29 -31.49 21.60
C SER A 30 -6.59 -30.06 21.98
N VAL A 31 -6.86 -29.24 20.96
CA VAL A 31 -7.26 -27.85 21.20
C VAL A 31 -8.56 -27.55 20.50
N SER A 32 -9.44 -26.83 21.20
CA SER A 32 -10.69 -26.32 20.64
C SER A 32 -10.65 -24.80 20.67
N GLY A 33 -11.01 -24.19 19.54
CA GLY A 33 -11.15 -22.74 19.47
C GLY A 33 -12.50 -22.27 19.01
N GLU A 34 -12.84 -21.05 19.42
CA GLU A 34 -14.06 -20.37 18.98
C GLU A 34 -13.83 -18.88 18.91
N GLY A 35 -14.67 -18.20 18.13
CA GLY A 35 -14.64 -16.75 18.05
C GLY A 35 -15.30 -16.29 16.78
N GLU A 36 -14.84 -15.17 16.24
CA GLU A 36 -15.49 -14.58 15.07
C GLU A 36 -14.52 -13.81 14.22
N GLY A 37 -14.89 -13.67 12.97
CA GLY A 37 -14.07 -12.98 12.01
C GLY A 37 -14.85 -11.94 11.28
N ASP A 38 -14.18 -10.82 10.96
CA ASP A 38 -14.81 -9.66 10.40
C ASP A 38 -13.89 -9.13 9.32
N ALA A 39 -13.97 -9.74 8.16
CA ALA A 39 -12.91 -9.62 7.17
C ALA A 39 -12.78 -8.22 6.60
N THR A 40 -13.88 -7.47 6.63
CA THR A 40 -13.88 -6.06 6.18
C THR A 40 -12.88 -5.22 6.98
N TYR A 41 -12.69 -5.58 8.25
CA TYR A 41 -11.72 -4.93 9.13
C TYR A 41 -10.44 -5.76 9.34
N GLY A 42 -10.23 -6.82 8.55
CA GLY A 42 -9.17 -7.75 8.75
C GLY A 42 -9.09 -8.25 10.16
N LYS A 43 -10.27 -8.46 10.79
CA LYS A 43 -10.35 -8.60 12.25
C LYS A 43 -10.71 -10.00 12.71
N LEU A 44 -9.89 -10.58 13.59
CA LEU A 44 -10.17 -11.87 14.20
C LEU A 44 -10.10 -11.75 15.71
N THR A 45 -11.02 -12.44 16.35
CA THR A 45 -11.10 -12.56 17.79
C THR A 45 -11.36 -14.01 18.10
N LEU A 46 -10.42 -14.65 18.80
CA LEU A 46 -10.47 -16.09 19.02
C LEU A 46 -10.01 -16.47 20.43
N LYS A 47 -10.69 -17.44 21.04
CA LYS A 47 -10.25 -18.08 22.27
C LYS A 47 -10.08 -19.58 21.99
N PHE A 48 -8.96 -20.13 22.47
CA PHE A 48 -8.64 -21.55 22.37
C PHE A 48 -8.44 -22.16 23.73
N ILE A 49 -8.81 -23.41 23.89
CA ILE A 49 -8.57 -24.15 25.14
C ILE A 49 -7.98 -25.53 24.81
N CYS A 50 -7.00 -25.94 25.61
CA CYS A 50 -6.52 -27.31 25.54
C CYS A 50 -7.51 -28.20 26.30
N THR A 51 -8.11 -29.18 25.64
CA THR A 51 -9.13 -29.99 26.30
C THR A 51 -8.57 -31.27 26.91
N THR A 52 -7.26 -31.51 26.78
CA THR A 52 -6.62 -32.71 27.27
C THR A 52 -5.82 -32.45 28.54
N GLY A 53 -5.95 -31.27 29.12
CA GLY A 53 -5.15 -30.88 30.28
C GLY A 53 -4.21 -29.75 29.88
N LYS A 54 -2.98 -29.84 30.34
CA LYS A 54 -1.96 -28.85 30.03
C LYS A 54 -1.42 -29.09 28.60
N LEU A 55 -1.08 -28.00 27.92
CA LEU A 55 -0.51 -28.05 26.59
C LEU A 55 0.99 -28.32 26.67
N PRO A 56 1.49 -29.33 25.92
CA PRO A 56 2.90 -29.70 26.07
C PRO A 56 3.85 -28.85 25.22
N VAL A 57 3.30 -27.85 24.54
CA VAL A 57 4.07 -26.89 23.77
C VAL A 57 3.53 -25.48 24.09
N PRO A 58 4.35 -24.46 23.89
CA PRO A 58 3.85 -23.08 24.09
C PRO A 58 2.73 -22.70 23.12
N TRP A 59 1.71 -22.03 23.65
CA TRP A 59 0.65 -21.48 22.85
C TRP A 59 1.12 -20.69 21.61
N PRO A 60 2.18 -19.88 21.75
CA PRO A 60 2.65 -19.14 20.57
C PRO A 60 3.12 -19.98 19.39
N THR A 61 3.60 -21.19 19.64
CA THR A 61 3.96 -22.10 18.55
C THR A 61 2.74 -22.56 17.74
N LEU A 62 1.52 -22.50 18.29
CA LEU A 62 0.33 -22.98 17.61
C LEU A 62 -0.47 -21.88 16.91
N VAL A 63 -0.02 -20.65 16.98
CA VAL A 63 -0.82 -19.52 16.50
C VAL A 63 -1.03 -19.62 14.99
N THR A 64 0.01 -19.86 14.20
CA THR A 64 -0.20 -19.90 12.74
C THR A 64 -1.00 -21.14 12.32
N THR A 65 -0.87 -22.23 13.06
CA THR A 65 -1.62 -23.46 12.74
C THR A 65 -3.12 -23.21 13.02
N LEU A 66 -3.42 -22.69 14.20
CA LEU A 66 -4.82 -22.48 14.63
C LEU A 66 -5.41 -21.28 13.90
N VAL A 68 -6.74 -19.09 9.39
CA VAL A 68 -8.08 -18.83 8.89
C VAL A 68 -7.97 -17.52 8.07
N GLN A 69 -7.00 -17.56 7.17
CA GLN A 69 -6.63 -16.42 6.34
C GLN A 69 -7.72 -15.98 5.37
N CYS A 70 -8.78 -16.76 5.18
CA CYS A 70 -9.94 -16.24 4.53
C CYS A 70 -10.48 -15.00 5.26
N PHE A 71 -10.04 -14.72 6.51
CA PHE A 71 -10.44 -13.46 7.15
C PHE A 71 -9.54 -12.26 6.93
N SER A 72 -8.54 -12.32 6.05
CA SER A 72 -7.71 -11.13 5.77
C SER A 72 -8.51 -10.07 5.03
N ARG A 73 -8.24 -8.81 5.37
CA ARG A 73 -8.77 -7.71 4.58
C ARG A 73 -8.09 -7.67 3.21
N TYR A 74 -8.87 -7.62 2.13
CA TYR A 74 -8.29 -7.37 0.80
C TYR A 74 -8.83 -6.02 0.34
N PRO A 75 -7.95 -5.01 0.15
CA PRO A 75 -8.45 -3.74 -0.41
C PRO A 75 -9.21 -3.99 -1.68
N ASP A 76 -10.13 -3.07 -2.00
CA ASP A 76 -10.98 -3.26 -3.17
C ASP A 76 -10.17 -3.51 -4.42
N HIS A 77 -9.05 -2.82 -4.56
CA HIS A 77 -8.24 -3.02 -5.77
C HIS A 77 -7.47 -4.33 -5.84
N MET A 78 -7.40 -5.08 -4.74
CA MET A 78 -6.76 -6.41 -4.78
C MET A 78 -7.75 -7.57 -4.66
N LYS A 79 -9.04 -7.32 -4.87
CA LYS A 79 -10.06 -8.37 -4.67
C LYS A 79 -9.87 -9.59 -5.58
N ARG A 80 -9.39 -9.38 -6.79
CA ARG A 80 -9.21 -10.49 -7.73
C ARG A 80 -8.07 -11.45 -7.32
N HIS A 81 -7.34 -11.09 -6.26
CA HIS A 81 -6.26 -11.90 -5.76
C HIS A 81 -6.60 -12.68 -4.49
N ASP A 82 -7.85 -12.62 -4.02
CA ASP A 82 -8.18 -13.26 -2.74
C ASP A 82 -8.57 -14.74 -2.98
N PHE A 83 -7.57 -15.61 -2.99
CA PHE A 83 -7.82 -17.03 -3.13
C PHE A 83 -8.73 -17.61 -2.03
N PHE A 84 -8.44 -17.28 -0.79
CA PHE A 84 -9.02 -17.92 0.35
C PHE A 84 -10.54 -17.79 0.38
N LYS A 85 -11.05 -16.58 0.12
CA LYS A 85 -12.50 -16.40 0.02
C LYS A 85 -13.05 -17.10 -1.24
N SER A 86 -12.32 -17.08 -2.34
CA SER A 86 -12.85 -17.60 -3.60
C SER A 86 -13.17 -19.13 -3.55
N ALA A 87 -12.41 -19.89 -2.76
CA ALA A 87 -12.68 -21.34 -2.57
C ALA A 87 -13.88 -21.64 -1.72
N MET A 88 -14.47 -20.62 -1.10
CA MET A 88 -15.58 -20.80 -0.17
C MET A 88 -16.91 -20.84 -0.88
N PRO A 89 -17.90 -21.59 -0.36
CA PRO A 89 -17.90 -22.26 0.95
C PRO A 89 -17.32 -23.67 1.01
N GLU A 90 -16.99 -24.31 -0.12
CA GLU A 90 -16.47 -25.68 -0.10
C GLU A 90 -15.11 -25.75 0.64
N GLY A 91 -14.33 -24.67 0.63
CA GLY A 91 -13.17 -24.57 1.46
C GLY A 91 -11.88 -24.92 0.79
N TYR A 92 -10.83 -25.05 1.63
CA TYR A 92 -9.54 -25.45 1.10
C TYR A 92 -8.72 -26.30 2.05
N VAL A 93 -7.70 -26.91 1.51
CA VAL A 93 -6.75 -27.68 2.28
C VAL A 93 -5.58 -26.76 2.53
N GLN A 94 -5.15 -26.65 3.77
CA GLN A 94 -3.99 -25.90 4.13
C GLN A 94 -2.97 -26.84 4.77
N GLU A 95 -1.86 -27.07 4.07
CA GLU A 95 -0.79 -27.94 4.54
C GLU A 95 0.48 -27.13 4.80
N ARG A 96 1.15 -27.47 5.89
CA ARG A 96 2.36 -26.81 6.28
C ARG A 96 3.36 -27.77 6.83
N THR A 97 4.62 -27.42 6.60
CA THR A 97 5.72 -27.82 7.44
C THR A 97 6.28 -26.54 8.07
N ILE A 98 6.49 -26.57 9.37
CA ILE A 98 7.03 -25.45 10.13
C ILE A 98 8.35 -25.94 10.74
N PHE A 99 9.47 -25.40 10.26
CA PHE A 99 10.76 -25.77 10.76
C PHE A 99 11.23 -24.76 11.82
N PHE A 100 11.27 -25.19 13.07
CA PHE A 100 11.87 -24.37 14.12
C PHE A 100 13.39 -24.54 14.09
N LYS A 101 14.10 -23.45 13.83
CA LYS A 101 15.55 -23.44 13.76
C LYS A 101 16.19 -24.05 15.02
N ASP A 102 17.13 -24.97 14.81
CA ASP A 102 17.87 -25.64 15.89
C ASP A 102 16.94 -26.56 16.74
N ASP A 103 15.86 -27.02 16.16
CA ASP A 103 14.92 -27.84 16.94
C ASP A 103 14.09 -28.66 15.96
N GLY A 104 12.94 -29.18 16.40
CA GLY A 104 12.11 -30.03 15.59
C GLY A 104 11.16 -29.26 14.66
N ASN A 105 10.16 -29.98 14.12
CA ASN A 105 9.23 -29.41 13.15
C ASN A 105 7.80 -29.87 13.35
N TYR A 106 6.88 -29.04 12.88
CA TYR A 106 5.47 -29.38 12.79
C TYR A 106 5.12 -29.69 11.34
N LYS A 107 4.25 -30.68 11.17
CA LYS A 107 3.62 -31.00 9.91
C LYS A 107 2.13 -30.96 10.16
N THR A 108 1.42 -30.13 9.41
CA THR A 108 0.01 -29.88 9.68
C THR A 108 -0.79 -30.10 8.41
N ARG A 109 -2.02 -30.52 8.62
CA ARG A 109 -2.99 -30.59 7.55
C ARG A 109 -4.30 -30.08 8.10
N ALA A 110 -4.87 -29.10 7.42
CA ALA A 110 -6.10 -28.50 7.85
C ALA A 110 -7.06 -28.43 6.69
N GLU A 111 -8.33 -28.61 7.01
CA GLU A 111 -9.38 -28.27 6.09
C GLU A 111 -10.08 -27.09 6.72
N VAL A 112 -10.23 -26.04 5.91
CA VAL A 112 -10.97 -24.82 6.30
C VAL A 112 -12.17 -24.68 5.40
N LYS A 113 -13.36 -24.67 5.99
CA LYS A 113 -14.57 -24.58 5.18
C LYS A 113 -15.73 -24.13 6.02
N PHE A 114 -16.82 -23.78 5.37
CA PHE A 114 -18.07 -23.52 6.08
C PHE A 114 -18.77 -24.83 6.45
N GLU A 115 -19.22 -24.90 7.68
CA GLU A 115 -20.09 -25.99 8.15
C GLU A 115 -21.33 -25.27 8.65
N GLY A 116 -22.38 -25.29 7.79
CA GLY A 116 -23.51 -24.38 7.96
C GLY A 116 -23.02 -22.94 7.97
N ASP A 117 -23.47 -22.16 8.96
CA ASP A 117 -23.15 -20.74 9.03
C ASP A 117 -21.76 -20.45 9.63
N THR A 118 -21.00 -21.48 9.98
CA THR A 118 -19.75 -21.28 10.71
C THR A 118 -18.54 -21.63 9.86
N LEU A 119 -17.50 -20.81 9.94
CA LEU A 119 -16.21 -21.13 9.30
C LEU A 119 -15.45 -22.03 10.24
N VAL A 120 -15.16 -23.26 9.80
CA VAL A 120 -14.55 -24.25 10.64
C VAL A 120 -13.15 -24.61 10.14
N ASN A 121 -12.20 -24.61 11.06
CA ASN A 121 -10.81 -25.00 10.75
C ASN A 121 -10.40 -26.26 11.54
N ARG A 122 -10.27 -27.37 10.83
CA ARG A 122 -10.00 -28.70 11.42
C ARG A 122 -8.58 -29.08 11.08
N ILE A 123 -7.75 -29.31 12.09
CA ILE A 123 -6.32 -29.49 11.86
C ILE A 123 -5.84 -30.79 12.49
N GLU A 124 -4.86 -31.41 11.84
CA GLU A 124 -4.06 -32.45 12.44
C GLU A 124 -2.60 -32.06 12.36
N LEU A 125 -1.89 -32.19 13.48
CA LEU A 125 -0.51 -31.71 13.62
C LEU A 125 0.38 -32.82 14.18
N LYS A 126 1.52 -33.05 13.54
CA LYS A 126 2.54 -33.95 14.06
C LYS A 126 3.87 -33.23 14.20
N GLY A 127 4.48 -33.37 15.38
CA GLY A 127 5.78 -32.79 15.66
C GLY A 127 6.79 -33.84 16.04
N ILE A 128 7.96 -33.77 15.40
CA ILE A 128 9.05 -34.71 15.63
C ILE A 128 10.38 -33.99 15.80
N ASP A 129 11.36 -34.69 16.37
CA ASP A 129 12.75 -34.23 16.54
C ASP A 129 12.93 -33.02 17.48
N PHE A 130 12.01 -32.84 18.43
CA PHE A 130 12.15 -31.71 19.34
C PHE A 130 13.09 -32.06 20.48
N LYS A 131 14.00 -31.16 20.80
CA LYS A 131 14.96 -31.35 21.90
C LYS A 131 14.20 -31.15 23.22
N GLU A 132 14.35 -32.10 24.15
CA GLU A 132 13.47 -32.14 25.33
C GLU A 132 13.69 -30.95 26.30
N ASP A 133 14.88 -30.34 26.28
CA ASP A 133 15.03 -29.02 26.86
C ASP A 133 15.44 -27.98 25.82
N GLY A 134 14.69 -27.96 24.71
CA GLY A 134 14.75 -26.84 23.76
C GLY A 134 13.66 -25.81 24.04
N ASN A 135 13.57 -24.81 23.18
CA ASN A 135 12.64 -23.71 23.45
C ASN A 135 11.17 -24.13 23.48
N ILE A 136 10.81 -25.09 22.64
CA ILE A 136 9.42 -25.55 22.53
C ILE A 136 9.03 -26.46 23.73
N LEU A 137 9.71 -27.59 23.86
CA LEU A 137 9.41 -28.52 24.96
C LEU A 137 9.88 -28.04 26.33
N GLY A 138 10.85 -27.13 26.39
CA GLY A 138 11.18 -26.44 27.65
C GLY A 138 10.22 -25.31 28.07
N HIS A 139 9.35 -24.85 27.17
CA HIS A 139 8.47 -23.71 27.45
C HIS A 139 9.26 -22.44 27.77
N LYS A 140 10.17 -22.07 26.88
CA LYS A 140 11.01 -20.87 27.03
C LYS A 140 10.58 -19.70 26.14
N LEU A 141 9.43 -19.80 25.46
CA LEU A 141 8.92 -18.69 24.67
C LEU A 141 8.19 -17.72 25.59
N GLU A 142 8.35 -16.43 25.31
CA GLU A 142 7.53 -15.41 25.93
C GLU A 142 6.09 -15.51 25.42
N TYR A 143 5.12 -15.24 26.31
CA TYR A 143 3.72 -15.12 25.92
C TYR A 143 3.41 -13.80 25.21
N ASN A 144 3.87 -13.69 23.95
CA ASN A 144 3.56 -12.56 23.10
C ASN A 144 3.72 -12.93 21.62
N TYR A 145 3.49 -11.99 20.69
CA TYR A 145 3.60 -12.31 19.26
C TYR A 145 3.99 -11.09 18.39
N ASN A 146 4.85 -11.35 17.40
CA ASN A 146 5.39 -10.29 16.52
C ASN A 146 4.55 -10.12 15.25
N SER A 147 4.91 -9.13 14.44
CA SER A 147 4.18 -8.82 13.20
C SER A 147 4.96 -9.31 12.00
N HIS A 148 4.28 -10.00 11.07
CA HIS A 148 4.97 -10.68 9.96
C HIS A 148 4.39 -10.33 8.61
N ASN A 149 5.16 -10.66 7.58
CA ASN A 149 4.65 -10.68 6.20
C ASN A 149 4.56 -12.13 5.71
N VAL A 150 3.41 -12.49 5.15
CA VAL A 150 3.12 -13.82 4.64
C VAL A 150 3.06 -13.76 3.11
N TYR A 151 4.07 -14.31 2.42
CA TYR A 151 4.22 -14.11 0.97
C TYR A 151 3.50 -15.19 0.20
N ILE A 152 2.69 -14.78 -0.78
CA ILE A 152 1.75 -15.64 -1.47
C ILE A 152 2.07 -15.61 -2.96
N MET A 153 2.24 -16.82 -3.52
CA MET A 153 2.41 -17.01 -4.96
C MET A 153 1.42 -18.01 -5.47
N ALA A 154 1.02 -17.84 -6.72
CA ALA A 154 0.08 -18.77 -7.32
C ALA A 154 0.84 -20.03 -7.66
N ASP A 155 0.14 -21.17 -7.54
CA ASP A 155 0.63 -22.46 -8.01
C ASP A 155 -0.41 -22.96 -9.01
N LYS A 156 -0.17 -22.68 -10.28
CA LYS A 156 -1.20 -22.90 -11.32
C LYS A 156 -1.47 -24.38 -11.57
N GLN A 157 -0.42 -25.19 -11.48
CA GLN A 157 -0.55 -26.63 -11.66
C GLN A 157 -1.39 -27.27 -10.57
N LYS A 158 -1.36 -26.74 -9.37
CA LYS A 158 -2.16 -27.29 -8.28
C LYS A 158 -3.47 -26.56 -8.09
N ASN A 159 -3.80 -25.65 -9.00
CA ASN A 159 -4.94 -24.75 -8.86
C ASN A 159 -5.00 -24.03 -7.50
N GLY A 160 -3.84 -23.70 -6.97
CA GLY A 160 -3.76 -23.13 -5.64
C GLY A 160 -2.66 -22.10 -5.45
N ILE A 161 -2.17 -22.02 -4.22
CA ILE A 161 -1.17 -21.03 -3.87
C ILE A 161 -0.09 -21.70 -3.05
N LYS A 162 1.14 -21.21 -3.20
CA LYS A 162 2.23 -21.58 -2.27
C LYS A 162 2.60 -20.32 -1.48
N VAL A 163 2.93 -20.55 -0.24
CA VAL A 163 2.96 -19.52 0.76
C VAL A 163 4.21 -19.78 1.59
N ASN A 164 4.97 -18.73 1.85
CA ASN A 164 6.18 -18.81 2.64
C ASN A 164 6.34 -17.58 3.54
N PHE A 165 6.86 -17.81 4.74
CA PHE A 165 7.11 -16.77 5.73
C PHE A 165 7.85 -17.36 6.92
N LYS A 166 8.48 -16.45 7.68
CA LYS A 166 9.21 -16.80 8.88
C LYS A 166 8.59 -16.06 10.03
N THR A 167 8.34 -16.77 11.13
CA THR A 167 7.83 -16.13 12.33
C THR A 167 8.99 -15.99 13.30
N ARG A 168 8.89 -15.02 14.20
CA ARG A 168 9.94 -14.67 15.15
C ARG A 168 9.30 -14.76 16.51
N HIS A 169 9.74 -15.72 17.34
CA HIS A 169 9.20 -15.97 18.66
C HIS A 169 10.26 -15.53 19.71
N ASN A 170 9.91 -14.53 20.51
CA ASN A 170 10.80 -14.06 21.56
C ASN A 170 11.01 -15.15 22.61
N ILE A 171 12.27 -15.31 23.01
CA ILE A 171 12.67 -16.23 24.06
C ILE A 171 12.88 -15.41 25.32
N GLU A 172 12.71 -16.07 26.45
CA GLU A 172 12.79 -15.39 27.73
C GLU A 172 14.21 -15.03 28.18
N ASP A 173 15.22 -15.52 27.48
CA ASP A 173 16.56 -15.09 27.76
C ASP A 173 16.91 -13.91 26.88
N GLY A 174 15.96 -13.43 26.08
CA GLY A 174 16.18 -12.28 25.20
C GLY A 174 16.52 -12.61 23.73
N SER A 175 16.68 -13.89 23.40
CA SER A 175 16.92 -14.26 22.00
C SER A 175 15.61 -14.46 21.23
N VAL A 176 15.74 -14.82 19.95
CA VAL A 176 14.60 -15.08 19.11
C VAL A 176 14.68 -16.47 18.50
N GLN A 177 13.55 -17.15 18.44
CA GLN A 177 13.44 -18.45 17.85
C GLN A 177 12.73 -18.26 16.52
N LEU A 178 13.39 -18.69 15.44
CA LEU A 178 12.80 -18.60 14.09
C LEU A 178 12.04 -19.88 13.78
N ALA A 179 10.87 -19.71 13.13
CA ALA A 179 10.07 -20.82 12.59
C ALA A 179 9.77 -20.56 11.14
N ASP A 180 10.25 -21.43 10.28
CA ASP A 180 10.21 -21.25 8.84
C ASP A 180 9.07 -22.09 8.27
N HIS A 181 8.06 -21.41 7.72
CA HIS A 181 6.81 -22.02 7.28
C HIS A 181 6.84 -22.26 5.76
N TYR A 182 6.54 -23.48 5.37
CA TYR A 182 6.29 -23.86 3.96
C TYR A 182 4.85 -24.29 3.85
N GLN A 183 4.05 -23.50 3.11
CA GLN A 183 2.61 -23.66 3.11
C GLN A 183 2.08 -23.91 1.68
N GLN A 184 1.06 -24.78 1.56
CA GLN A 184 0.30 -24.96 0.30
C GLN A 184 -1.19 -24.95 0.57
N ASN A 185 -1.96 -24.24 -0.26
CA ASN A 185 -3.42 -24.29 -0.17
C ASN A 185 -4.04 -24.77 -1.49
N THR A 186 -4.99 -25.68 -1.37
CA THR A 186 -5.65 -26.32 -2.51
C THR A 186 -7.16 -26.26 -2.30
N PRO A 187 -7.90 -25.88 -3.33
CA PRO A 187 -9.34 -25.93 -3.17
C PRO A 187 -9.86 -27.35 -2.97
N ILE A 188 -10.88 -27.50 -2.12
CA ILE A 188 -11.54 -28.80 -1.93
C ILE A 188 -12.54 -29.02 -3.07
N GLY A 189 -13.29 -27.98 -3.44
CA GLY A 189 -14.30 -28.09 -4.45
C GLY A 189 -13.76 -28.06 -5.87
N ASP A 190 -14.65 -28.35 -6.81
CA ASP A 190 -14.35 -28.29 -8.23
C ASP A 190 -14.61 -26.91 -8.83
N GLY A 191 -15.28 -26.03 -8.07
CA GLY A 191 -15.59 -24.66 -8.49
C GLY A 191 -14.38 -23.79 -8.85
N PRO A 192 -14.62 -22.70 -9.58
CA PRO A 192 -13.48 -21.83 -9.95
C PRO A 192 -12.97 -20.99 -8.76
N VAL A 193 -11.68 -20.78 -8.74
CA VAL A 193 -11.03 -19.98 -7.69
C VAL A 193 -10.24 -18.87 -8.34
N LEU A 194 -9.77 -17.92 -7.51
CA LEU A 194 -8.93 -16.81 -7.97
C LEU A 194 -7.46 -17.10 -7.72
N LEU A 195 -6.68 -17.19 -8.78
CA LEU A 195 -5.25 -17.35 -8.65
C LEU A 195 -4.60 -15.97 -8.61
N PRO A 196 -3.86 -15.66 -7.53
CA PRO A 196 -3.35 -14.31 -7.37
C PRO A 196 -2.02 -14.05 -8.03
N ASP A 197 -1.74 -12.79 -8.33
CA ASP A 197 -0.41 -12.30 -8.45
C ASP A 197 0.31 -12.31 -7.08
N ASN A 198 1.63 -12.41 -7.13
CA ASN A 198 2.45 -12.35 -5.97
C ASN A 198 2.11 -11.19 -5.06
N HIS A 199 1.89 -11.48 -3.80
CA HIS A 199 1.67 -10.44 -2.82
C HIS A 199 1.98 -10.94 -1.43
N TYR A 200 1.57 -10.20 -0.42
CA TYR A 200 1.69 -10.69 0.93
C TYR A 200 0.61 -10.22 1.85
N LEU A 201 0.48 -10.92 2.97
CA LEU A 201 -0.38 -10.53 4.05
C LEU A 201 0.48 -9.95 5.17
N SER A 202 0.04 -8.84 5.74
CA SER A 202 0.71 -8.24 6.89
C SER A 202 -0.15 -8.45 8.12
N THR A 203 0.46 -9.04 9.13
CA THR A 203 -0.28 -9.55 10.27
C THR A 203 0.18 -8.86 11.55
N GLN A 204 -0.72 -8.77 12.50
CA GLN A 204 -0.40 -8.33 13.84
C GLN A 204 -1.35 -8.95 14.79
N SER A 205 -0.85 -9.40 15.94
CA SER A 205 -1.61 -10.25 16.83
C SER A 205 -1.23 -9.94 18.27
N ALA A 206 -2.17 -10.06 19.20
CA ALA A 206 -1.89 -9.90 20.60
C ALA A 206 -2.42 -11.10 21.34
N LEU A 207 -1.70 -11.52 22.38
CA LEU A 207 -2.08 -12.71 23.14
C LEU A 207 -2.48 -12.26 24.55
N SER A 208 -3.50 -12.90 25.10
CA SER A 208 -3.98 -12.56 26.41
C SER A 208 -4.61 -13.79 27.06
N LYS A 209 -5.12 -13.61 28.27
CA LYS A 209 -5.79 -14.64 29.04
C LYS A 209 -7.15 -14.12 29.43
N ASP A 210 -8.15 -15.00 29.38
CA ASP A 210 -9.42 -14.82 30.04
C ASP A 210 -9.31 -15.09 31.57
N PRO A 211 -9.56 -14.06 32.41
CA PRO A 211 -9.47 -14.27 33.85
C PRO A 211 -10.46 -15.29 34.42
N ASN A 212 -11.55 -15.57 33.73
CA ASN A 212 -12.53 -16.54 34.21
C ASN A 212 -12.43 -17.94 33.57
N GLU A 213 -11.29 -18.26 32.95
CA GLU A 213 -11.08 -19.57 32.31
C GLU A 213 -10.01 -20.36 33.07
N LYS A 214 -10.42 -21.46 33.69
CA LYS A 214 -9.55 -22.24 34.55
C LYS A 214 -8.63 -23.17 33.76
N ARG A 215 -9.00 -23.50 32.52
CA ARG A 215 -8.21 -24.42 31.71
C ARG A 215 -7.08 -23.70 31.01
N ASP A 216 -6.10 -24.46 30.57
CA ASP A 216 -5.03 -23.89 29.78
C ASP A 216 -5.62 -23.37 28.44
N HIS A 217 -5.42 -22.09 28.17
CA HIS A 217 -6.11 -21.37 27.11
C HIS A 217 -5.30 -20.19 26.57
N MET A 218 -5.66 -19.74 25.39
CA MET A 218 -5.08 -18.52 24.80
C MET A 218 -6.19 -17.69 24.20
N VAL A 219 -6.14 -16.39 24.42
CA VAL A 219 -6.99 -15.46 23.72
C VAL A 219 -6.14 -14.76 22.67
N LEU A 220 -6.67 -14.64 21.47
CA LEU A 220 -5.91 -14.12 20.37
C LEU A 220 -6.73 -13.09 19.61
N LEU A 221 -6.19 -11.88 19.47
CA LEU A 221 -6.76 -10.88 18.57
C LEU A 221 -5.75 -10.70 17.44
N GLU A 222 -6.25 -10.59 16.22
CA GLU A 222 -5.37 -10.43 15.08
C GLU A 222 -6.00 -9.49 14.03
N PHE A 223 -5.15 -8.67 13.43
CA PHE A 223 -5.45 -7.89 12.24
C PHE A 223 -4.57 -8.33 11.07
N VAL A 224 -5.17 -8.48 9.89
CA VAL A 224 -4.48 -8.98 8.73
C VAL A 224 -4.96 -8.24 7.48
N THR A 225 -4.03 -7.65 6.77
CA THR A 225 -4.37 -7.01 5.50
C THR A 225 -3.43 -7.49 4.42
N ALA A 226 -3.95 -7.66 3.22
CA ALA A 226 -3.13 -7.91 2.05
C ALA A 226 -2.49 -6.64 1.54
N ALA A 227 -1.38 -6.81 0.82
CA ALA A 227 -0.64 -5.74 0.16
C ALA A 227 0.36 -6.29 -0.86
N GLY A 228 1.02 -5.39 -1.58
CA GLY A 228 2.16 -5.72 -2.43
C GLY A 228 1.88 -5.77 -3.91
N THR A 229 0.63 -5.71 -4.25
CA THR A 229 0.24 -5.89 -5.63
C THR A 229 0.22 -4.56 -6.37
N MET A 230 0.59 -4.59 -7.64
CA MET A 230 0.41 -3.44 -8.52
C MET A 230 -1.08 -3.09 -8.57
N ALA A 231 -1.38 -1.82 -8.37
CA ALA A 231 -2.72 -1.32 -8.63
C ALA A 231 -2.79 -0.91 -10.10
N GLY A 232 -3.93 -0.35 -10.50
CA GLY A 232 -4.00 0.30 -11.81
C GLY A 232 -2.98 1.43 -11.93
N ILE A 233 -2.73 1.88 -13.16
CA ILE A 233 -1.83 3.00 -13.43
C ILE A 233 -2.19 4.20 -12.56
N ILE A 234 -3.48 4.44 -12.35
CA ILE A 234 -3.92 5.57 -11.55
C ILE A 234 -3.31 5.53 -10.16
N GLY A 235 -3.10 4.33 -9.62
CA GLY A 235 -2.43 4.15 -8.34
C GLY A 235 -1.04 4.72 -8.29
N ASN A 236 -0.23 4.35 -9.27
CA ASN A 236 1.12 4.92 -9.38
C ASN A 236 1.11 6.44 -9.55
N LEU A 237 0.15 6.94 -10.33
CA LEU A 237 0.07 8.39 -10.59
C LEU A 237 -0.27 9.16 -9.33
N ARG A 238 -1.25 8.65 -8.60
CA ARG A 238 -1.73 9.25 -7.37
C ARG A 238 -0.61 9.31 -6.33
N HIS A 239 0.11 8.23 -6.15
CA HIS A 239 1.18 8.16 -5.14
C HIS A 239 2.41 9.02 -5.51
N MET A 240 2.75 9.07 -6.81
CA MET A 240 3.76 10.01 -7.30
C MET A 240 3.32 11.47 -7.11
N ALA A 241 2.09 11.79 -7.44
CA ALA A 241 1.56 13.14 -7.26
C ALA A 241 1.70 13.57 -5.80
N LEU A 242 1.41 12.65 -4.89
CA LEU A 242 1.46 12.96 -3.47
C LEU A 242 2.85 13.38 -3.08
N ASP A 243 3.86 12.64 -3.54
CA ASP A 243 5.23 12.95 -3.15
C ASP A 243 5.79 14.20 -3.80
N MET A 244 5.36 14.48 -5.03
CA MET A 244 5.85 15.64 -5.72
C MET A 244 5.37 16.86 -4.99
N GLY A 245 4.24 16.78 -4.29
CA GLY A 245 3.68 17.91 -3.59
C GLY A 245 4.10 18.10 -2.14
N ASN A 246 4.97 17.27 -1.59
CA ASN A 246 5.48 17.53 -0.23
C ASN A 246 6.40 18.78 -0.14
N GLU A 247 6.26 19.55 0.95
CA GLU A 247 7.02 20.80 1.33
C GLU A 247 6.56 22.12 0.72
N SER B 4 4.47 9.34 18.68
CA SER B 4 3.59 10.19 19.55
C SER B 4 2.96 9.40 20.70
N LYS B 5 2.76 10.06 21.83
CA LYS B 5 2.12 9.48 23.00
C LYS B 5 0.62 9.31 22.82
N GLY B 6 -0.01 10.23 22.10
CA GLY B 6 -1.44 10.16 21.80
C GLY B 6 -1.86 8.87 21.13
N GLU B 7 -0.97 8.33 20.30
CA GLU B 7 -1.16 7.04 19.65
C GLU B 7 -1.52 5.91 20.66
N GLU B 8 -0.97 5.97 21.88
CA GLU B 8 -1.19 4.89 22.85
C GLU B 8 -2.64 4.83 23.36
N LEU B 9 -3.37 5.94 23.25
CA LEU B 9 -4.76 6.02 23.71
C LEU B 9 -5.75 5.24 22.85
N PHE B 10 -5.35 4.83 21.65
CA PHE B 10 -6.19 4.13 20.68
C PHE B 10 -5.79 2.67 20.45
N THR B 11 -4.96 2.09 21.33
CA THR B 11 -4.61 0.68 21.17
C THR B 11 -5.78 -0.26 21.41
N GLY B 12 -6.79 0.17 22.16
CA GLY B 12 -7.98 -0.66 22.33
C GLY B 12 -9.28 -0.02 21.82
N VAL B 13 -10.39 -0.46 22.39
CA VAL B 13 -11.71 0.04 22.05
C VAL B 13 -11.93 1.30 22.88
N VAL B 14 -12.20 2.42 22.20
CA VAL B 14 -12.40 3.70 22.85
C VAL B 14 -13.85 4.13 22.67
N PRO B 15 -14.56 4.41 23.78
CA PRO B 15 -15.95 4.87 23.65
C PRO B 15 -16.00 6.29 23.05
N ILE B 16 -17.02 6.55 22.25
CA ILE B 16 -17.14 7.82 21.52
C ILE B 16 -18.43 8.52 21.91
N LEU B 17 -18.40 9.84 21.97
CA LEU B 17 -19.60 10.67 22.09
C LEU B 17 -19.61 11.75 21.05
N VAL B 18 -20.77 12.01 20.46
CA VAL B 18 -20.93 13.09 19.49
C VAL B 18 -22.12 13.95 19.92
N GLU B 19 -21.98 15.26 19.79
CA GLU B 19 -23.07 16.20 20.00
C GLU B 19 -22.99 17.25 18.91
N LEU B 20 -24.10 17.45 18.21
CA LEU B 20 -24.16 18.41 17.13
C LEU B 20 -25.34 19.35 17.34
N ASP B 21 -25.10 20.66 17.17
CA ASP B 21 -26.18 21.62 17.05
C ASP B 21 -26.21 22.14 15.62
N GLY B 22 -27.38 22.08 15.00
CA GLY B 22 -27.57 22.39 13.59
C GLY B 22 -28.57 23.50 13.31
N ASP B 23 -28.27 24.26 12.25
CA ASP B 23 -29.18 25.19 11.66
C ASP B 23 -28.98 25.16 10.14
N VAL B 24 -29.98 24.68 9.43
CA VAL B 24 -29.92 24.70 7.97
C VAL B 24 -31.14 25.49 7.41
N ASN B 25 -30.89 26.64 6.78
CA ASN B 25 -31.95 27.50 6.25
C ASN B 25 -32.96 27.89 7.33
N GLY B 26 -32.51 28.03 8.57
CA GLY B 26 -33.38 28.37 9.69
C GLY B 26 -33.97 27.19 10.46
N HIS B 27 -33.77 25.97 9.98
CA HIS B 27 -34.27 24.77 10.69
C HIS B 27 -33.28 24.34 11.77
N LYS B 28 -33.65 24.53 13.03
CA LYS B 28 -32.79 24.12 14.15
C LYS B 28 -32.96 22.63 14.49
N PHE B 29 -31.86 21.95 14.78
CA PHE B 29 -31.91 20.55 15.21
C PHE B 29 -30.69 20.18 16.04
N SER B 30 -30.82 19.08 16.78
CA SER B 30 -29.70 18.54 17.57
C SER B 30 -29.55 17.06 17.31
N VAL B 31 -28.32 16.57 17.32
CA VAL B 31 -28.02 15.18 17.12
C VAL B 31 -27.07 14.72 18.23
N SER B 32 -27.40 13.58 18.84
CA SER B 32 -26.55 12.93 19.83
C SER B 32 -26.03 11.66 19.21
N GLY B 33 -24.83 11.28 19.62
CA GLY B 33 -24.14 10.12 19.04
C GLY B 33 -23.44 9.34 20.12
N GLU B 34 -23.47 8.01 20.03
CA GLU B 34 -22.63 7.20 20.89
C GLU B 34 -22.24 5.90 20.21
N GLY B 35 -21.10 5.40 20.61
CA GLY B 35 -20.58 4.13 20.12
C GLY B 35 -19.14 3.96 20.53
N GLU B 36 -18.34 3.41 19.63
CA GLU B 36 -16.96 3.10 19.97
C GLU B 36 -16.12 2.97 18.73
N GLY B 37 -14.82 3.11 18.89
CA GLY B 37 -13.90 3.00 17.77
C GLY B 37 -12.70 2.15 18.12
N ASP B 38 -12.28 1.35 17.16
CA ASP B 38 -11.17 0.43 17.35
C ASP B 38 -10.13 0.78 16.27
N ALA B 39 -9.23 1.70 16.61
CA ALA B 39 -8.29 2.22 15.61
C ALA B 39 -7.36 1.16 15.07
N THR B 40 -7.01 0.18 15.90
CA THR B 40 -6.20 -0.96 15.46
C THR B 40 -6.80 -1.66 14.20
N TYR B 41 -8.12 -1.65 14.05
CA TYR B 41 -8.80 -2.19 12.88
C TYR B 41 -9.44 -1.11 12.01
N GLY B 42 -9.12 0.16 12.24
CA GLY B 42 -9.80 1.28 11.54
C GLY B 42 -11.31 1.27 11.65
N LYS B 43 -11.81 0.77 12.78
CA LYS B 43 -13.21 0.40 12.92
C LYS B 43 -14.00 1.41 13.69
N LEU B 44 -15.14 1.86 13.16
CA LEU B 44 -16.06 2.72 13.92
C LEU B 44 -17.46 2.15 13.89
N THR B 45 -18.13 2.27 15.02
CA THR B 45 -19.52 1.85 15.15
C THR B 45 -20.22 2.94 15.94
N LEU B 46 -21.17 3.61 15.31
CA LEU B 46 -21.90 4.68 15.94
C LEU B 46 -23.38 4.58 15.67
N LYS B 47 -24.14 5.12 16.62
CA LYS B 47 -25.56 5.37 16.44
C LYS B 47 -25.82 6.85 16.74
N PHE B 48 -26.61 7.46 15.88
CA PHE B 48 -26.98 8.85 15.98
C PHE B 48 -28.49 8.98 16.05
N ILE B 49 -28.95 9.84 16.95
CA ILE B 49 -30.38 10.16 17.03
C ILE B 49 -30.58 11.66 16.94
N CYS B 50 -31.64 12.09 16.26
CA CYS B 50 -32.02 13.51 16.23
C CYS B 50 -32.87 13.79 17.44
N THR B 51 -32.35 14.49 18.44
CA THR B 51 -33.09 14.64 19.70
C THR B 51 -34.18 15.71 19.64
N THR B 52 -34.21 16.55 18.62
CA THR B 52 -35.23 17.60 18.50
C THR B 52 -36.48 17.16 17.76
N GLY B 53 -36.52 15.93 17.28
CA GLY B 53 -37.60 15.45 16.40
C GLY B 53 -37.02 14.93 15.10
N LYS B 54 -37.72 15.14 14.00
CA LYS B 54 -37.32 14.65 12.69
C LYS B 54 -36.18 15.49 12.15
N LEU B 55 -35.19 14.84 11.56
CA LEU B 55 -34.05 15.52 11.00
C LEU B 55 -34.48 16.32 9.76
N PRO B 56 -34.14 17.62 9.69
CA PRO B 56 -34.57 18.42 8.54
C PRO B 56 -33.73 18.26 7.28
N VAL B 57 -32.63 17.50 7.37
CA VAL B 57 -31.77 17.22 6.24
C VAL B 57 -31.57 15.71 6.18
N PRO B 58 -31.18 15.19 5.02
CA PRO B 58 -30.93 13.74 4.95
C PRO B 58 -29.77 13.31 5.83
N TRP B 59 -29.93 12.16 6.48
CA TRP B 59 -28.85 11.58 7.28
C TRP B 59 -27.48 11.44 6.58
N PRO B 60 -27.44 11.03 5.30
CA PRO B 60 -26.11 10.93 4.68
C PRO B 60 -25.34 12.26 4.55
N THR B 61 -26.03 13.40 4.58
CA THR B 61 -25.34 14.71 4.53
C THR B 61 -24.55 15.03 5.80
N LEU B 62 -24.85 14.37 6.91
CA LEU B 62 -24.16 14.62 8.19
C LEU B 62 -23.04 13.63 8.52
N VAL B 63 -22.85 12.62 7.68
CA VAL B 63 -21.88 11.56 7.96
C VAL B 63 -20.48 12.11 8.18
N THR B 64 -19.98 12.94 7.28
CA THR B 64 -18.61 13.44 7.41
C THR B 64 -18.46 14.39 8.60
N THR B 65 -19.51 15.14 8.89
CA THR B 65 -19.53 16.03 10.05
C THR B 65 -19.57 15.26 11.38
N LEU B 66 -20.43 14.26 11.48
CA LEU B 66 -20.56 13.51 12.72
C LEU B 66 -19.44 12.50 12.82
N VAL B 68 -14.43 11.62 13.27
CA VAL B 68 -13.52 11.29 14.39
C VAL B 68 -12.38 10.53 13.74
N GLN B 69 -11.63 11.24 12.90
CA GLN B 69 -10.61 10.64 12.03
C GLN B 69 -9.39 10.12 12.77
N CYS B 70 -9.26 10.44 14.06
CA CYS B 70 -8.31 9.77 14.93
C CYS B 70 -8.47 8.22 15.01
N PHE B 71 -9.62 7.69 14.64
CA PHE B 71 -9.81 6.23 14.65
C PHE B 71 -9.41 5.55 13.34
N SER B 72 -8.73 6.26 12.42
CA SER B 72 -8.26 5.65 11.18
C SER B 72 -7.17 4.68 11.49
N ARG B 73 -7.13 3.57 10.75
CA ARG B 73 -5.97 2.68 10.82
C ARG B 73 -4.81 3.30 10.05
N TYR B 74 -3.69 3.54 10.72
CA TYR B 74 -2.44 3.87 10.03
C TYR B 74 -1.56 2.63 10.08
N PRO B 75 -1.06 2.17 8.92
CA PRO B 75 -0.05 1.10 8.93
C PRO B 75 1.17 1.48 9.76
N ASP B 76 1.85 0.50 10.34
CA ASP B 76 3.08 0.75 11.14
C ASP B 76 4.09 1.72 10.49
N HIS B 77 4.30 1.55 9.20
CA HIS B 77 5.21 2.41 8.45
C HIS B 77 4.68 3.82 8.16
N MET B 78 3.42 4.11 8.52
CA MET B 78 2.86 5.44 8.37
C MET B 78 2.59 6.11 9.70
N LYS B 79 3.11 5.55 10.80
CA LYS B 79 2.75 6.05 12.14
C LYS B 79 3.20 7.49 12.31
N ARG B 80 4.33 7.88 11.69
CA ARG B 80 4.79 9.26 11.80
C ARG B 80 3.85 10.29 11.14
N HIS B 81 2.82 9.83 10.41
CA HIS B 81 1.92 10.71 9.67
C HIS B 81 0.54 10.86 10.29
N ASP B 82 0.37 10.37 11.51
CA ASP B 82 -0.94 10.41 12.15
C ASP B 82 -1.09 11.65 13.02
N PHE B 83 -1.43 12.75 12.38
CA PHE B 83 -1.67 14.02 13.09
C PHE B 83 -2.81 13.87 14.13
N PHE B 84 -3.83 13.13 13.75
CA PHE B 84 -5.09 13.10 14.52
C PHE B 84 -4.86 12.57 15.93
N LYS B 85 -4.24 11.40 16.04
CA LYS B 85 -3.96 10.82 17.34
C LYS B 85 -2.87 11.57 18.08
N SER B 86 -1.92 12.18 17.36
CA SER B 86 -0.79 12.86 18.01
C SER B 86 -1.25 14.13 18.76
N ALA B 87 -2.38 14.70 18.35
CA ALA B 87 -2.98 15.84 19.04
C ALA B 87 -3.72 15.46 20.31
N MET B 88 -3.92 14.16 20.56
CA MET B 88 -4.70 13.75 21.71
C MET B 88 -3.79 13.65 22.93
N PRO B 89 -4.32 13.76 24.16
CA PRO B 89 -5.78 13.86 24.51
C PRO B 89 -6.41 15.27 24.41
N GLU B 90 -5.58 16.32 24.43
CA GLU B 90 -6.09 17.69 24.41
C GLU B 90 -7.00 17.92 23.17
N GLY B 91 -6.65 17.30 22.05
CA GLY B 91 -7.51 17.26 20.89
C GLY B 91 -7.21 18.27 19.83
N TYR B 92 -8.11 18.35 18.84
CA TYR B 92 -7.96 19.32 17.76
C TYR B 92 -9.30 19.96 17.42
N VAL B 93 -9.22 21.13 16.79
CA VAL B 93 -10.40 21.80 16.21
C VAL B 93 -10.49 21.38 14.77
N GLN B 94 -11.67 20.89 14.35
CA GLN B 94 -11.90 20.52 12.97
C GLN B 94 -12.95 21.45 12.44
N GLU B 95 -12.60 22.18 11.37
CA GLU B 95 -13.59 23.04 10.71
C GLU B 95 -13.67 22.73 9.25
N ARG B 96 -14.85 22.87 8.70
CA ARG B 96 -15.08 22.52 7.30
C ARG B 96 -16.04 23.52 6.69
N THR B 97 -15.91 23.71 5.38
CA THR B 97 -17.02 24.11 4.54
C THR B 97 -17.30 22.94 3.57
N ILE B 98 -18.58 22.61 3.44
CA ILE B 98 -19.02 21.56 2.57
C ILE B 98 -19.94 22.23 1.56
N PHE B 99 -19.45 22.36 0.33
CA PHE B 99 -20.22 22.89 -0.77
C PHE B 99 -20.95 21.76 -1.47
N PHE B 100 -22.28 21.76 -1.34
CA PHE B 100 -23.11 20.84 -2.14
C PHE B 100 -23.38 21.42 -3.53
N LYS B 101 -22.85 20.75 -4.55
CA LYS B 101 -22.88 21.22 -5.92
C LYS B 101 -24.31 21.45 -6.39
N ASP B 102 -24.52 22.63 -7.00
CA ASP B 102 -25.82 23.11 -7.47
C ASP B 102 -26.77 23.45 -6.33
N ASP B 103 -26.25 23.67 -5.11
CA ASP B 103 -27.11 23.83 -3.95
C ASP B 103 -26.35 24.60 -2.84
N GLY B 104 -26.84 24.57 -1.60
CA GLY B 104 -26.22 25.29 -0.49
C GLY B 104 -24.92 24.67 0.03
N ASN B 105 -24.44 25.23 1.14
CA ASN B 105 -23.25 24.77 1.83
C ASN B 105 -23.47 24.67 3.34
N TYR B 106 -22.78 23.69 3.94
CA TYR B 106 -22.57 23.61 5.39
C TYR B 106 -21.23 24.21 5.76
N LYS B 107 -21.19 24.75 6.97
CA LYS B 107 -19.97 25.29 7.56
C LYS B 107 -19.98 24.76 8.98
N THR B 108 -18.88 24.14 9.38
CA THR B 108 -18.90 23.43 10.65
C THR B 108 -17.65 23.67 11.44
N ARG B 109 -17.80 23.58 12.75
CA ARG B 109 -16.70 23.77 13.70
C ARG B 109 -16.90 22.77 14.81
N ALA B 110 -15.87 21.97 15.03
CA ALA B 110 -15.93 20.93 16.03
C ALA B 110 -14.67 20.87 16.83
N GLU B 111 -14.83 20.54 18.10
CA GLU B 111 -13.74 20.18 18.98
C GLU B 111 -13.77 18.66 19.18
N VAL B 112 -12.61 18.02 18.99
CA VAL B 112 -12.49 16.59 19.10
C VAL B 112 -11.40 16.35 20.10
N LYS B 113 -11.77 15.75 21.21
CA LYS B 113 -10.85 15.59 22.34
C LYS B 113 -11.41 14.56 23.29
N PHE B 114 -10.54 14.05 24.14
CA PHE B 114 -10.92 13.14 25.18
C PHE B 114 -11.57 13.90 26.32
N GLU B 115 -12.64 13.33 26.86
CA GLU B 115 -13.22 13.74 28.12
C GLU B 115 -13.18 12.54 29.05
N GLY B 116 -12.19 12.52 29.94
CA GLY B 116 -11.83 11.29 30.63
C GLY B 116 -11.43 10.22 29.62
N ASP B 117 -12.08 9.07 29.67
CA ASP B 117 -11.75 7.96 28.76
C ASP B 117 -12.58 7.91 27.46
N THR B 118 -13.49 8.87 27.28
CA THR B 118 -14.35 8.95 26.13
C THR B 118 -13.81 9.98 25.14
N LEU B 119 -13.78 9.60 23.86
CA LEU B 119 -13.40 10.53 22.80
C LEU B 119 -14.68 11.30 22.38
N VAL B 120 -14.66 12.62 22.49
CA VAL B 120 -15.85 13.43 22.27
C VAL B 120 -15.69 14.36 21.07
N ASN B 121 -16.75 14.48 20.27
CA ASN B 121 -16.83 15.32 19.06
C ASN B 121 -18.02 16.25 19.23
N ARG B 122 -17.75 17.53 19.54
CA ARG B 122 -18.81 18.56 19.68
C ARG B 122 -18.79 19.47 18.47
N ILE B 123 -19.93 19.57 17.80
CA ILE B 123 -20.02 20.23 16.52
C ILE B 123 -21.11 21.32 16.52
N GLU B 124 -20.81 22.43 15.88
CA GLU B 124 -21.78 23.47 15.53
C GLU B 124 -21.81 23.55 14.02
N LEU B 125 -23.02 23.49 13.44
CA LEU B 125 -23.21 23.47 11.98
C LEU B 125 -24.20 24.54 11.55
N LYS B 126 -23.80 25.32 10.56
CA LYS B 126 -24.68 26.26 9.90
C LYS B 126 -24.72 25.96 8.38
N GLY B 127 -25.91 25.73 7.85
CA GLY B 127 -26.13 25.61 6.42
C GLY B 127 -27.01 26.71 5.86
N ILE B 128 -26.66 27.25 4.69
CA ILE B 128 -27.33 28.40 4.10
C ILE B 128 -27.58 28.23 2.60
N ASP B 129 -28.62 28.90 2.08
CA ASP B 129 -28.93 28.95 0.64
C ASP B 129 -29.20 27.59 0.00
N PHE B 130 -29.81 26.69 0.75
CA PHE B 130 -30.28 25.44 0.15
C PHE B 130 -31.56 25.68 -0.60
N LYS B 131 -31.69 25.03 -1.74
CA LYS B 131 -32.92 25.09 -2.50
C LYS B 131 -33.95 24.22 -1.82
N GLU B 132 -35.16 24.72 -1.68
CA GLU B 132 -36.27 23.99 -1.04
C GLU B 132 -36.64 22.72 -1.81
N ASP B 133 -36.51 22.79 -3.12
CA ASP B 133 -36.79 21.68 -4.01
C ASP B 133 -35.55 20.83 -4.24
N GLY B 134 -34.39 21.26 -3.74
CA GLY B 134 -33.14 20.54 -3.98
C GLY B 134 -33.03 19.21 -3.28
N ASN B 135 -31.88 18.57 -3.47
CA ASN B 135 -31.68 17.21 -2.97
C ASN B 135 -31.62 17.12 -1.47
N ILE B 136 -31.19 18.20 -0.82
CA ILE B 136 -31.03 18.21 0.61
C ILE B 136 -32.38 18.47 1.27
N LEU B 137 -32.95 19.66 1.11
CA LEU B 137 -34.27 19.97 1.73
C LEU B 137 -35.45 19.17 1.17
N GLY B 138 -35.30 18.64 -0.04
CA GLY B 138 -36.32 17.74 -0.61
C GLY B 138 -36.18 16.26 -0.27
N HIS B 139 -35.17 15.89 0.53
CA HIS B 139 -34.94 14.51 0.93
C HIS B 139 -34.96 13.51 -0.26
N LYS B 140 -34.07 13.74 -1.23
CA LYS B 140 -33.97 12.90 -2.40
C LYS B 140 -32.68 12.05 -2.41
N LEU B 141 -31.87 12.11 -1.35
CA LEU B 141 -30.73 11.19 -1.26
C LEU B 141 -31.18 9.78 -0.85
N GLU B 142 -30.57 8.78 -1.45
CA GLU B 142 -30.72 7.37 -1.03
C GLU B 142 -30.07 7.20 0.33
N TYR B 143 -30.58 6.25 1.10
CA TYR B 143 -29.99 5.92 2.41
C TYR B 143 -28.86 4.95 2.19
N ASN B 144 -27.76 5.47 1.66
CA ASN B 144 -26.54 4.70 1.43
C ASN B 144 -25.33 5.62 1.32
N TYR B 145 -24.16 5.04 1.19
CA TYR B 145 -22.95 5.85 1.28
C TYR B 145 -21.82 5.18 0.53
N ASN B 146 -21.02 6.00 -0.12
CA ASN B 146 -19.97 5.54 -0.99
C ASN B 146 -18.61 5.52 -0.29
N SER B 147 -17.62 4.97 -0.99
CA SER B 147 -16.25 4.88 -0.49
C SER B 147 -15.48 6.00 -1.11
N HIS B 148 -14.62 6.64 -0.33
CA HIS B 148 -13.96 7.88 -0.75
C HIS B 148 -12.53 7.88 -0.33
N ASN B 149 -11.79 8.83 -0.92
CA ASN B 149 -10.43 9.13 -0.55
C ASN B 149 -10.40 10.55 0.00
N VAL B 150 -9.78 10.71 1.16
CA VAL B 150 -9.73 11.95 1.91
C VAL B 150 -8.28 12.43 1.92
N TYR B 151 -7.97 13.40 1.09
CA TYR B 151 -6.58 13.81 0.89
C TYR B 151 -6.12 14.78 1.95
N ILE B 152 -4.94 14.53 2.50
CA ILE B 152 -4.38 15.25 3.63
C ILE B 152 -3.05 15.84 3.28
N MET B 153 -2.88 17.12 3.62
CA MET B 153 -1.59 17.85 3.45
C MET B 153 -1.26 18.62 4.72
N ALA B 154 0.02 18.72 5.03
CA ALA B 154 0.49 19.51 6.17
C ALA B 154 0.30 21.00 5.93
N ASP B 155 -0.09 21.71 6.99
CA ASP B 155 -0.11 23.16 7.01
C ASP B 155 0.84 23.58 8.11
N LYS B 156 2.13 23.58 7.79
CA LYS B 156 3.20 23.70 8.79
C LYS B 156 3.13 24.98 9.57
N GLN B 157 2.88 26.08 8.87
CA GLN B 157 2.85 27.38 9.49
C GLN B 157 1.65 27.57 10.41
N LYS B 158 0.54 26.89 10.14
CA LYS B 158 -0.59 26.86 11.08
C LYS B 158 -0.56 25.64 11.98
N ASN B 159 0.52 24.87 11.94
CA ASN B 159 0.73 23.72 12.83
C ASN B 159 -0.35 22.69 12.77
N GLY B 160 -0.86 22.44 11.56
CA GLY B 160 -1.97 21.54 11.41
C GLY B 160 -2.02 20.94 10.05
N ILE B 161 -3.22 20.53 9.65
CA ILE B 161 -3.42 19.90 8.34
C ILE B 161 -4.55 20.55 7.53
N LYS B 162 -4.43 20.49 6.22
CA LYS B 162 -5.48 20.89 5.32
C LYS B 162 -5.94 19.62 4.62
N VAL B 163 -7.27 19.42 4.61
CA VAL B 163 -7.85 18.22 4.06
C VAL B 163 -8.84 18.64 3.00
N ASN B 164 -8.79 17.96 1.86
CA ASN B 164 -9.68 18.24 0.72
CA ASN B 164 -9.67 18.25 0.73
C ASN B 164 -10.21 16.93 0.15
N PHE B 165 -11.53 16.82 0.04
CA PHE B 165 -12.14 15.69 -0.62
C PHE B 165 -13.54 15.96 -1.15
N LYS B 166 -13.99 15.08 -2.03
CA LYS B 166 -15.37 15.13 -2.52
C LYS B 166 -16.08 13.83 -2.18
N THR B 167 -17.30 13.94 -1.68
CA THR B 167 -18.13 12.77 -1.47
C THR B 167 -19.23 12.67 -2.55
N ARG B 168 -19.69 11.44 -2.76
N ARG B 168 -19.69 11.45 -2.77
CA ARG B 168 -20.62 11.10 -3.82
CA ARG B 168 -20.63 11.11 -3.83
C ARG B 168 -21.82 10.54 -3.10
C ARG B 168 -21.83 10.53 -3.14
N HIS B 169 -22.94 11.22 -3.25
CA HIS B 169 -24.15 10.86 -2.59
C HIS B 169 -25.18 10.49 -3.67
N ASN B 170 -25.65 9.25 -3.66
CA ASN B 170 -26.58 8.79 -4.69
C ASN B 170 -27.97 9.44 -4.56
N ILE B 171 -28.55 9.83 -5.68
CA ILE B 171 -29.85 10.46 -5.66
C ILE B 171 -30.83 9.44 -6.16
N GLU B 172 -32.01 9.46 -5.57
CA GLU B 172 -33.06 8.49 -5.86
C GLU B 172 -33.39 8.41 -7.34
N ASP B 173 -32.97 9.40 -8.14
CA ASP B 173 -33.21 9.36 -9.59
C ASP B 173 -32.05 8.86 -10.46
N GLY B 174 -31.03 8.29 -9.82
CA GLY B 174 -29.90 7.78 -10.55
C GLY B 174 -28.73 8.69 -10.72
N SER B 175 -28.87 9.99 -10.45
CA SER B 175 -27.68 10.89 -10.50
C SER B 175 -26.94 10.85 -9.17
N VAL B 176 -25.81 11.56 -9.12
CA VAL B 176 -24.99 11.67 -7.92
C VAL B 176 -24.70 13.11 -7.53
N GLN B 177 -24.94 13.44 -6.26
CA GLN B 177 -24.76 14.78 -5.75
C GLN B 177 -23.38 14.91 -5.16
N LEU B 178 -22.54 15.79 -5.70
CA LEU B 178 -21.23 15.99 -5.15
C LEU B 178 -21.29 16.91 -3.90
N ALA B 179 -20.41 16.66 -2.96
CA ALA B 179 -20.18 17.57 -1.86
C ALA B 179 -18.67 17.81 -1.72
N ASP B 180 -18.22 19.01 -2.06
CA ASP B 180 -16.79 19.37 -1.94
C ASP B 180 -16.43 19.78 -0.52
N HIS B 181 -15.49 19.06 0.08
CA HIS B 181 -15.04 19.32 1.43
C HIS B 181 -13.74 20.11 1.45
N TYR B 182 -13.75 21.23 2.19
CA TYR B 182 -12.56 22.00 2.49
C TYR B 182 -12.44 22.03 4.00
N GLN B 183 -11.41 21.33 4.50
CA GLN B 183 -11.27 21.05 5.94
C GLN B 183 -9.90 21.52 6.44
N GLN B 184 -9.86 22.02 7.66
CA GLN B 184 -8.64 22.34 8.40
C GLN B 184 -8.80 21.77 9.80
N ASN B 185 -7.69 21.21 10.30
CA ASN B 185 -7.59 20.69 11.68
C ASN B 185 -6.41 21.38 12.35
N THR B 186 -6.62 21.87 13.56
CA THR B 186 -5.57 22.56 14.31
C THR B 186 -5.61 22.06 15.75
N PRO B 187 -4.44 21.83 16.37
CA PRO B 187 -4.43 21.33 17.74
C PRO B 187 -5.05 22.30 18.76
N ILE B 188 -5.74 21.77 19.75
CA ILE B 188 -6.17 22.57 20.85
C ILE B 188 -5.00 22.78 21.81
N GLY B 189 -4.15 21.77 21.99
CA GLY B 189 -3.05 21.83 22.93
C GLY B 189 -1.82 22.50 22.36
N ASP B 190 -0.85 22.69 23.24
CA ASP B 190 0.42 23.29 22.90
C ASP B 190 1.51 22.21 22.82
N GLY B 191 1.13 20.94 23.00
CA GLY B 191 2.07 19.84 22.83
C GLY B 191 2.45 19.60 21.38
N PRO B 192 3.45 18.74 21.14
CA PRO B 192 3.92 18.51 19.77
C PRO B 192 2.99 17.59 19.01
N VAL B 193 2.93 17.80 17.69
CA VAL B 193 2.07 17.03 16.82
C VAL B 193 2.86 16.61 15.59
N LEU B 194 2.37 15.56 14.95
CA LEU B 194 2.99 14.99 13.75
C LEU B 194 2.36 15.61 12.53
N LEU B 195 3.18 16.27 11.72
CA LEU B 195 2.72 16.92 10.52
C LEU B 195 3.11 16.05 9.36
N PRO B 196 2.10 15.53 8.63
CA PRO B 196 2.35 14.45 7.70
C PRO B 196 2.88 14.86 6.33
N ASP B 197 3.51 13.93 5.65
CA ASP B 197 3.58 13.95 4.20
C ASP B 197 2.22 13.72 3.61
N ASN B 198 2.09 14.13 2.37
CA ASN B 198 0.85 14.00 1.63
C ASN B 198 0.39 12.55 1.53
N HIS B 199 -0.87 12.33 1.87
CA HIS B 199 -1.45 10.99 1.85
C HIS B 199 -2.98 11.06 1.87
N TYR B 200 -3.66 9.91 1.93
CA TYR B 200 -5.12 9.90 2.03
C TYR B 200 -5.63 8.85 2.99
N LEU B 201 -6.87 9.08 3.43
CA LEU B 201 -7.65 8.07 4.12
C LEU B 201 -8.61 7.47 3.09
N SER B 202 -8.72 6.13 3.13
CA SER B 202 -9.59 5.38 2.25
C SER B 202 -10.76 4.89 3.11
N THR B 203 -11.98 5.32 2.77
CA THR B 203 -13.11 5.13 3.67
C THR B 203 -14.14 4.20 3.08
N GLN B 204 -14.86 3.50 3.93
CA GLN B 204 -16.09 2.87 3.52
C GLN B 204 -17.06 2.87 4.67
N SER B 205 -18.33 3.06 4.34
CA SER B 205 -19.33 3.24 5.36
C SER B 205 -20.58 2.47 5.00
N ALA B 206 -21.23 1.90 6.00
CA ALA B 206 -22.51 1.23 5.80
C ALA B 206 -23.52 1.91 6.70
N LEU B 207 -24.64 2.28 6.11
CA LEU B 207 -25.74 2.91 6.84
C LEU B 207 -26.88 1.93 7.10
N SER B 208 -27.43 1.94 8.31
CA SER B 208 -28.52 1.02 8.69
C SER B 208 -29.47 1.64 9.69
N LYS B 209 -30.55 0.91 10.00
CA LYS B 209 -31.55 1.28 11.03
C LYS B 209 -31.63 0.22 12.14
N ASP B 210 -31.80 0.72 13.36
CA ASP B 210 -32.12 -0.03 14.55
C ASP B 210 -33.63 -0.11 14.75
N PRO B 211 -34.19 -1.34 14.65
CA PRO B 211 -35.65 -1.42 14.74
C PRO B 211 -36.24 -1.05 16.10
N ASN B 212 -35.44 -1.08 17.18
CA ASN B 212 -35.92 -0.62 18.49
C ASN B 212 -35.82 0.89 18.73
N GLU B 213 -35.16 1.61 17.83
CA GLU B 213 -34.96 3.03 18.03
C GLU B 213 -36.24 3.77 17.68
N LYS B 214 -36.76 4.50 18.65
CA LYS B 214 -37.97 5.28 18.43
C LYS B 214 -37.71 6.64 17.79
N ARG B 215 -36.51 7.17 17.98
CA ARG B 215 -36.11 8.42 17.40
C ARG B 215 -35.67 8.28 15.93
N ASP B 216 -35.85 9.36 15.15
CA ASP B 216 -35.28 9.51 13.79
C ASP B 216 -33.75 9.42 13.93
N HIS B 217 -33.14 8.48 13.22
CA HIS B 217 -31.82 8.02 13.63
C HIS B 217 -31.01 7.42 12.50
N MET B 218 -29.72 7.22 12.75
CA MET B 218 -28.86 6.52 11.80
C MET B 218 -27.84 5.67 12.55
N VAL B 219 -27.65 4.45 12.07
CA VAL B 219 -26.59 3.57 12.55
C VAL B 219 -25.53 3.63 11.47
N LEU B 220 -24.29 3.86 11.88
CA LEU B 220 -23.16 3.96 10.96
C LEU B 220 -22.06 3.00 11.39
N LEU B 221 -21.62 2.17 10.44
CA LEU B 221 -20.43 1.33 10.59
C LEU B 221 -19.47 1.85 9.54
N GLU B 222 -18.23 2.10 9.93
CA GLU B 222 -17.28 2.64 9.00
C GLU B 222 -15.90 2.03 9.19
N PHE B 223 -15.23 1.80 8.05
CA PHE B 223 -13.82 1.40 8.01
C PHE B 223 -12.96 2.48 7.39
N VAL B 224 -11.82 2.79 8.01
CA VAL B 224 -10.90 3.82 7.50
C VAL B 224 -9.41 3.42 7.63
N THR B 225 -8.68 3.44 6.51
CA THR B 225 -7.23 3.19 6.52
C THR B 225 -6.48 4.28 5.75
N ALA B 226 -5.29 4.63 6.25
CA ALA B 226 -4.40 5.57 5.59
C ALA B 226 -3.56 4.85 4.55
N ALA B 227 -3.16 5.58 3.52
CA ALA B 227 -2.32 5.07 2.46
C ALA B 227 -1.73 6.23 1.68
N GLY B 228 -0.74 5.91 0.85
CA GLY B 228 -0.25 6.84 -0.19
C GLY B 228 1.08 7.50 0.08
N THR B 229 1.61 7.32 1.29
CA THR B 229 2.94 7.77 1.54
C THR B 229 3.95 6.81 0.92
N MET B 230 5.12 7.33 0.60
CA MET B 230 6.27 6.50 0.27
C MET B 230 6.65 5.73 1.55
N ALA B 231 7.06 4.50 1.39
CA ALA B 231 7.62 3.73 2.47
C ALA B 231 9.14 3.87 2.37
N GLY B 232 9.88 3.19 3.23
CA GLY B 232 11.32 3.09 3.02
C GLY B 232 11.55 2.46 1.66
N ILE B 233 12.74 2.69 1.11
CA ILE B 233 13.17 2.05 -0.13
C ILE B 233 12.86 0.53 -0.19
N ILE B 234 12.84 -0.13 0.96
CA ILE B 234 12.51 -1.55 0.99
C ILE B 234 11.11 -1.87 0.47
N GLY B 235 10.14 -0.98 0.68
CA GLY B 235 8.82 -1.19 0.12
C GLY B 235 8.81 -1.22 -1.40
N ASN B 236 9.54 -0.30 -2.02
CA ASN B 236 9.61 -0.30 -3.48
C ASN B 236 10.28 -1.55 -4.04
N LEU B 237 11.34 -1.99 -3.39
CA LEU B 237 12.06 -3.18 -3.82
C LEU B 237 11.19 -4.41 -3.71
N ARG B 238 10.53 -4.53 -2.57
CA ARG B 238 9.62 -5.63 -2.30
C ARG B 238 8.52 -5.73 -3.36
N HIS B 239 7.89 -4.59 -3.64
CA HIS B 239 6.76 -4.57 -4.56
C HIS B 239 7.20 -4.82 -6.00
N MET B 240 8.36 -4.29 -6.38
CA MET B 240 8.91 -4.58 -7.69
C MET B 240 9.26 -6.07 -7.83
N ALA B 241 9.85 -6.63 -6.78
CA ALA B 241 10.24 -8.04 -6.77
C ALA B 241 9.05 -8.99 -6.88
N LEU B 242 7.94 -8.61 -6.23
CA LEU B 242 6.67 -9.33 -6.38
C LEU B 242 6.22 -9.32 -7.85
N ASP B 243 6.28 -8.17 -8.50
CA ASP B 243 5.81 -8.09 -9.87
C ASP B 243 6.77 -8.75 -10.86
N MET B 244 8.08 -8.67 -10.64
CA MET B 244 9.03 -9.35 -11.53
C MET B 244 8.81 -10.89 -11.47
N GLY B 245 8.35 -11.40 -10.34
CA GLY B 245 8.07 -12.83 -10.18
C GLY B 245 6.74 -13.38 -10.69
N ASN B 246 5.90 -12.55 -11.27
CA ASN B 246 4.58 -13.03 -11.74
C ASN B 246 4.65 -13.74 -13.09
N GLU B 247 3.66 -14.60 -13.35
CA GLU B 247 3.53 -15.34 -14.63
C GLU B 247 4.77 -16.14 -14.93
N GLY C 10 41.26 -42.20 16.08
CA GLY C 10 40.39 -42.75 14.98
C GLY C 10 40.13 -41.71 13.91
N ARG C 11 39.85 -42.14 12.67
CA ARG C 11 39.69 -41.18 11.57
C ARG C 11 38.60 -41.48 10.53
N LEU C 12 37.91 -40.40 10.14
CA LEU C 12 36.89 -40.44 9.10
C LEU C 12 37.03 -39.23 8.16
N ASP C 13 36.26 -39.17 7.08
CA ASP C 13 36.34 -38.04 6.15
C ASP C 13 35.35 -36.92 6.53
N ALA C 14 35.36 -35.81 5.78
CA ALA C 14 34.59 -34.63 6.14
C ALA C 14 33.08 -34.88 6.13
N ALA C 15 32.60 -35.69 5.22
CA ALA C 15 31.18 -35.98 5.17
C ALA C 15 30.76 -36.72 6.43
N GLY C 16 31.58 -37.67 6.87
CA GLY C 16 31.24 -38.44 8.08
C GLY C 16 31.30 -37.58 9.32
N PHE C 17 32.33 -36.73 9.43
CA PHE C 17 32.36 -35.73 10.48
C PHE C 17 31.07 -34.89 10.47
N TRP C 18 30.74 -34.38 9.29
CA TRP C 18 29.60 -33.48 9.16
C TRP C 18 28.31 -34.17 9.63
N GLN C 19 28.15 -35.43 9.27
CA GLN C 19 26.96 -36.20 9.61
C GLN C 19 26.81 -36.36 11.11
N VAL C 20 27.92 -36.53 11.81
CA VAL C 20 27.90 -36.54 13.27
C VAL C 20 27.63 -35.16 13.83
N TRP C 21 28.39 -34.17 13.38
CA TRP C 21 28.15 -32.78 13.74
C TRP C 21 26.69 -32.40 13.62
N GLN C 22 26.07 -32.81 12.52
CA GLN C 22 24.69 -32.47 12.25
C GLN C 22 23.69 -33.03 13.27
N ARG C 23 24.00 -34.15 13.90
CA ARG C 23 23.15 -34.70 14.94
C ARG C 23 22.99 -33.78 16.16
N PHE C 24 24.01 -32.97 16.46
CA PHE C 24 23.98 -32.03 17.59
C PHE C 24 23.74 -30.56 17.16
N ASP C 25 23.99 -30.23 15.89
CA ASP C 25 23.89 -28.87 15.42
C ASP C 25 23.35 -28.88 14.02
N ALA C 26 22.09 -29.26 13.88
CA ALA C 26 21.52 -29.43 12.53
C ALA C 26 21.45 -28.18 11.66
N ASP C 27 21.25 -27.00 12.25
CA ASP C 27 21.04 -25.81 11.42
C ASP C 27 22.17 -24.79 11.44
N GLU C 28 23.41 -25.23 11.66
CA GLU C 28 24.58 -24.36 11.49
C GLU C 28 24.86 -23.31 12.56
N LYS C 29 24.55 -23.60 13.81
CA LYS C 29 24.98 -22.74 14.89
C LYS C 29 26.51 -22.52 14.86
N GLY C 30 27.27 -23.57 14.53
CA GLY C 30 28.73 -23.51 14.50
C GLY C 30 29.40 -23.98 15.80
N TYR C 31 28.59 -24.43 16.77
CA TYR C 31 29.10 -24.93 18.01
C TYR C 31 28.08 -25.86 18.65
N ILE C 32 28.53 -26.59 19.66
CA ILE C 32 27.63 -27.39 20.48
C ILE C 32 27.76 -26.93 21.93
N GLU C 33 26.87 -27.42 22.78
CA GLU C 33 26.94 -27.14 24.21
C GLU C 33 27.99 -28.00 24.90
N GLU C 34 28.65 -27.42 25.89
CA GLU C 34 29.52 -28.14 26.81
C GLU C 34 28.90 -29.46 27.34
N LYS C 35 27.59 -29.46 27.59
CA LYS C 35 26.92 -30.64 28.18
C LYS C 35 26.77 -31.83 27.25
N GLU C 36 26.95 -31.64 25.94
CA GLU C 36 26.79 -32.73 24.97
C GLU C 36 28.14 -33.29 24.52
N LEU C 37 29.22 -32.96 25.22
CA LEU C 37 30.56 -33.30 24.69
C LEU C 37 30.88 -34.78 24.81
N ASP C 38 30.52 -35.38 25.94
CA ASP C 38 30.68 -36.82 26.10
C ASP C 38 29.85 -37.54 25.06
N ALA C 39 28.61 -37.07 24.91
CA ALA C 39 27.70 -37.61 23.87
C ALA C 39 28.30 -37.47 22.44
N PHE C 40 28.92 -36.34 22.12
CA PHE C 40 29.53 -36.14 20.79
C PHE C 40 30.61 -37.19 20.55
N PHE C 41 31.50 -37.34 21.52
CA PHE C 41 32.60 -38.29 21.43
C PHE C 41 32.12 -39.74 21.29
N LEU C 42 31.16 -40.13 22.13
CA LEU C 42 30.54 -41.47 22.04
C LEU C 42 29.96 -41.70 20.66
N HIS C 43 29.23 -40.72 20.15
CA HIS C 43 28.71 -40.79 18.79
C HIS C 43 29.87 -40.88 17.78
N MET C 44 30.90 -40.07 17.97
CA MET C 44 32.05 -40.12 17.07
C MET C 44 32.68 -41.51 17.07
N LEU C 45 32.88 -42.09 18.25
CA LEU C 45 33.56 -43.38 18.40
C LEU C 45 32.75 -44.56 17.84
N MET C 46 31.44 -44.53 18.03
CA MET C 46 30.58 -45.54 17.42
C MET C 46 30.60 -45.41 15.89
N LYS C 47 30.81 -44.18 15.40
CA LYS C 47 30.90 -43.93 13.96
C LYS C 47 32.22 -44.42 13.36
N LEU C 48 33.29 -44.41 14.14
CA LEU C 48 34.56 -44.97 13.70
C LEU C 48 34.67 -46.48 13.93
N GLY C 49 33.61 -47.11 14.47
CA GLY C 49 33.61 -48.55 14.69
C GLY C 49 34.45 -48.99 15.88
N THR C 50 34.10 -48.54 17.07
CA THR C 50 34.89 -48.82 18.25
C THR C 50 34.34 -50.06 18.93
N ASP C 51 35.17 -51.09 19.13
CA ASP C 51 34.84 -52.19 20.03
C ASP C 51 34.36 -51.60 21.37
N ASP C 52 33.11 -51.86 21.73
CA ASP C 52 32.57 -51.22 22.93
C ASP C 52 33.16 -51.78 24.23
N THR C 53 33.85 -52.92 24.15
CA THR C 53 34.68 -53.38 25.24
C THR C 53 35.80 -52.38 25.57
N VAL C 54 36.09 -51.45 24.64
CA VAL C 54 37.08 -50.39 24.87
C VAL C 54 36.50 -48.98 24.74
N MET C 55 35.18 -48.87 24.57
CA MET C 55 34.55 -47.59 24.31
C MET C 55 34.84 -46.55 25.42
N LYS C 56 34.88 -46.98 26.67
CA LYS C 56 35.17 -46.09 27.79
C LYS C 56 36.64 -45.68 27.88
N ALA C 57 37.56 -46.59 27.55
CA ALA C 57 38.99 -46.25 27.48
C ALA C 57 39.24 -45.26 26.35
N ASN C 58 38.59 -45.47 25.21
CA ASN C 58 38.69 -44.53 24.10
C ASN C 58 38.11 -43.15 24.40
N LEU C 59 36.93 -43.12 25.02
CA LEU C 59 36.29 -41.86 25.43
C LEU C 59 37.21 -41.07 26.37
N HIS C 60 37.84 -41.76 27.31
CA HIS C 60 38.83 -41.12 28.17
C HIS C 60 40.01 -40.58 27.35
N LYS C 61 40.53 -41.37 26.41
CA LYS C 61 41.70 -40.96 25.60
C LYS C 61 41.43 -39.67 24.82
N VAL C 62 40.26 -39.60 24.20
CA VAL C 62 39.94 -38.41 23.40
C VAL C 62 39.59 -37.22 24.27
N LYS C 63 38.96 -37.45 25.42
CA LYS C 63 38.68 -36.34 26.36
C LYS C 63 39.97 -35.69 26.83
N GLN C 64 40.97 -36.50 27.17
CA GLN C 64 42.25 -35.94 27.60
C GLN C 64 42.91 -35.18 26.44
N GLN C 65 42.88 -35.75 25.23
CA GLN C 65 43.46 -35.09 24.07
C GLN C 65 42.74 -33.76 23.80
N PHE C 66 41.43 -33.74 23.94
CA PHE C 66 40.64 -32.52 23.75
C PHE C 66 40.99 -31.38 24.71
N MET C 67 41.37 -31.71 25.94
CA MET C 67 41.70 -30.67 26.93
C MET C 67 43.01 -29.97 26.60
N THR C 68 43.97 -30.71 26.04
CA THR C 68 45.26 -30.14 25.65
C THR C 68 45.08 -29.02 24.63
N THR C 69 43.98 -29.08 23.87
CA THR C 69 43.58 -28.06 22.91
C THR C 69 42.41 -27.25 23.46
N SER C 73 36.87 -21.85 25.22
CA SER C 73 36.50 -20.66 25.99
C SER C 73 36.00 -21.02 27.40
N LYS C 74 35.25 -20.09 27.99
CA LYS C 74 34.55 -20.32 29.24
C LYS C 74 33.02 -20.13 29.12
N ASP C 75 32.54 -19.76 27.93
CA ASP C 75 31.10 -19.64 27.69
C ASP C 75 30.39 -21.00 27.64
N GLY C 76 31.11 -22.10 27.82
CA GLY C 76 30.48 -23.42 27.83
C GLY C 76 29.96 -23.87 26.47
N ARG C 77 30.73 -23.52 25.43
CA ARG C 77 30.40 -23.89 24.07
C ARG C 77 31.70 -24.29 23.38
N ILE C 78 31.56 -25.19 22.42
CA ILE C 78 32.71 -25.80 21.75
C ILE C 78 32.48 -25.69 20.27
N ARG C 79 33.34 -24.94 19.60
CA ARG C 79 33.16 -24.68 18.18
C ARG C 79 33.57 -25.89 17.36
N MET C 80 33.15 -25.86 16.12
CA MET C 80 33.44 -26.96 15.23
C MET C 80 34.94 -27.13 15.05
N LYS C 81 35.66 -26.02 14.89
CA LYS C 81 37.13 -26.07 14.73
C LYS C 81 37.82 -26.95 15.77
N GLU C 82 37.33 -26.92 17.01
CA GLU C 82 37.95 -27.64 18.11
C GLU C 82 37.91 -29.15 17.94
N LEU C 83 36.79 -29.64 17.42
CA LEU C 83 36.56 -31.07 17.31
C LEU C 83 37.04 -31.62 15.98
N ALA C 84 36.80 -30.88 14.91
CA ALA C 84 37.33 -31.21 13.60
C ALA C 84 38.86 -31.30 13.60
N GLY C 85 39.52 -30.51 14.44
CA GLY C 85 40.98 -30.48 14.53
C GLY C 85 41.58 -31.79 15.04
N MET C 86 40.84 -32.55 15.84
CA MET C 86 41.34 -33.84 16.31
C MET C 86 40.84 -35.06 15.55
N PHE C 87 39.85 -34.90 14.69
CA PHE C 87 39.25 -36.06 14.02
C PHE C 87 39.48 -36.12 12.51
N LEU C 88 39.95 -35.03 11.90
CA LEU C 88 40.13 -34.94 10.46
C LEU C 88 41.58 -34.53 10.11
N SER C 89 41.97 -34.89 8.90
CA SER C 89 43.25 -34.42 8.34
C SER C 89 43.26 -32.92 8.15
N GLU C 90 44.45 -32.38 7.91
CA GLU C 90 44.68 -30.94 7.69
C GLU C 90 43.89 -30.46 6.48
N ASP C 91 43.99 -31.19 5.37
CA ASP C 91 43.26 -30.81 4.16
C ASP C 91 41.77 -30.70 4.44
N GLU C 92 41.23 -31.68 5.14
CA GLU C 92 39.80 -31.78 5.37
C GLU C 92 39.29 -30.86 6.46
N ASN C 93 40.15 -30.45 7.40
CA ASN C 93 39.83 -29.29 8.22
C ASN C 93 39.64 -28.07 7.33
N PHE C 94 40.64 -27.82 6.46
CA PHE C 94 40.58 -26.68 5.55
C PHE C 94 39.29 -26.73 4.72
N LEU C 95 38.94 -27.90 4.25
CA LEU C 95 37.72 -28.07 3.47
C LEU C 95 36.45 -27.55 4.23
N LEU C 96 36.41 -27.82 5.54
CA LEU C 96 35.29 -27.41 6.37
C LEU C 96 35.39 -25.99 6.92
N LEU C 97 36.61 -25.48 7.15
CA LEU C 97 36.74 -24.18 7.81
C LEU C 97 37.10 -23.01 6.91
N PHE C 98 37.48 -23.26 5.67
CA PHE C 98 38.08 -22.21 4.81
C PHE C 98 37.16 -21.03 4.58
N ARG C 99 35.85 -21.29 4.46
CA ARG C 99 34.87 -20.19 4.38
C ARG C 99 34.08 -19.99 5.64
N ARG C 100 33.73 -21.05 6.35
CA ARG C 100 33.14 -20.92 7.71
C ARG C 100 33.91 -19.91 8.58
N GLU C 101 35.24 -19.95 8.53
CA GLU C 101 36.08 -18.95 9.22
C GLU C 101 36.38 -17.68 8.44
N ASN C 102 35.76 -17.51 7.28
CA ASN C 102 35.92 -16.28 6.50
C ASN C 102 34.69 -16.07 5.58
N PRO C 103 33.52 -15.79 6.17
CA PRO C 103 32.28 -15.78 5.39
C PRO C 103 32.28 -14.72 4.29
N LEU C 104 31.75 -15.10 3.14
CA LEU C 104 31.70 -14.26 1.97
C LEU C 104 30.65 -13.17 2.23
N ASP C 105 31.04 -11.94 1.92
CA ASP C 105 30.34 -10.75 2.37
C ASP C 105 29.55 -10.10 1.26
N SER C 106 29.94 -10.34 0.01
CA SER C 106 29.36 -9.66 -1.15
C SER C 106 28.62 -10.65 -2.01
N SER C 107 27.33 -10.39 -2.23
CA SER C 107 26.56 -11.14 -3.20
C SER C 107 27.05 -10.89 -4.64
N VAL C 108 27.66 -9.74 -4.90
CA VAL C 108 28.28 -9.49 -6.21
C VAL C 108 29.48 -10.42 -6.43
N GLU C 109 30.40 -10.43 -5.48
CA GLU C 109 31.54 -11.34 -5.54
C GLU C 109 31.11 -12.82 -5.64
N PHE C 110 30.03 -13.17 -4.95
CA PHE C 110 29.49 -14.51 -5.05
C PHE C 110 29.07 -14.83 -6.48
N MET C 111 28.46 -13.86 -7.15
CA MET C 111 28.00 -14.10 -8.50
C MET C 111 29.17 -14.17 -9.47
N GLN C 112 30.28 -13.47 -9.21
CA GLN C 112 31.47 -13.63 -10.06
C GLN C 112 31.93 -15.08 -10.05
N ILE C 113 32.00 -15.64 -8.84
CA ILE C 113 32.43 -17.02 -8.66
C ILE C 113 31.44 -17.96 -9.34
N TRP C 114 30.15 -17.72 -9.16
CA TRP C 114 29.15 -18.56 -9.76
C TRP C 114 29.21 -18.48 -11.29
N ARG C 115 29.36 -17.29 -11.83
CA ARG C 115 29.50 -17.15 -13.29
C ARG C 115 30.77 -17.83 -13.79
N LYS C 116 31.87 -17.72 -13.05
CA LYS C 116 33.13 -18.32 -13.46
C LYS C 116 33.04 -19.85 -13.52
N TYR C 117 32.49 -20.47 -12.48
CA TYR C 117 32.54 -21.92 -12.37
C TYR C 117 31.37 -22.66 -13.02
N ASP C 118 30.25 -21.98 -13.29
CA ASP C 118 29.19 -22.55 -14.10
C ASP C 118 29.54 -22.28 -15.57
N ALA C 119 30.51 -22.99 -16.09
CA ALA C 119 31.20 -22.52 -17.31
C ALA C 119 30.43 -22.79 -18.58
N ASP C 120 29.61 -23.84 -18.55
CA ASP C 120 28.63 -24.13 -19.56
C ASP C 120 27.29 -23.36 -19.34
N SER C 121 27.21 -22.52 -18.28
CA SER C 121 26.00 -21.71 -17.98
C SER C 121 24.73 -22.55 -17.91
N SER C 122 24.87 -23.75 -17.37
CA SER C 122 23.75 -24.64 -17.24
C SER C 122 22.75 -24.21 -16.17
N GLY C 123 23.15 -23.29 -15.30
CA GLY C 123 22.35 -22.89 -14.15
C GLY C 123 22.60 -23.75 -12.90
N PHE C 124 23.59 -24.65 -12.96
CA PHE C 124 23.89 -25.52 -11.82
C PHE C 124 25.36 -25.89 -11.89
N ILE C 125 25.95 -26.16 -10.75
CA ILE C 125 27.38 -26.50 -10.68
C ILE C 125 27.48 -28.01 -10.62
N SER C 126 28.03 -28.59 -11.68
CA SER C 126 28.31 -30.05 -11.68
C SER C 126 29.49 -30.42 -10.77
N ALA C 127 29.72 -31.72 -10.59
CA ALA C 127 30.92 -32.19 -9.87
C ALA C 127 32.22 -31.73 -10.58
N ALA C 128 32.25 -31.83 -11.90
CA ALA C 128 33.46 -31.46 -12.64
C ALA C 128 33.74 -29.97 -12.49
N GLU C 129 32.70 -29.17 -12.43
CA GLU C 129 32.91 -27.74 -12.19
C GLU C 129 33.29 -27.50 -10.72
N LEU C 130 32.75 -28.31 -9.82
CA LEU C 130 33.14 -28.21 -8.40
C LEU C 130 34.62 -28.56 -8.26
N ARG C 131 35.09 -29.55 -9.02
CA ARG C 131 36.49 -29.95 -8.99
C ARG C 131 37.36 -28.78 -9.44
N ASN C 132 36.95 -28.06 -10.48
CA ASN C 132 37.69 -26.84 -10.86
C ASN C 132 37.76 -25.85 -9.72
N PHE C 133 36.62 -25.61 -9.07
CA PHE C 133 36.55 -24.72 -7.91
C PHE C 133 37.56 -25.14 -6.84
N LEU C 134 37.55 -26.41 -6.46
CA LEU C 134 38.45 -26.87 -5.39
C LEU C 134 39.94 -26.77 -5.82
N ARG C 135 40.27 -27.06 -7.07
CA ARG C 135 41.66 -26.93 -7.54
C ARG C 135 42.15 -25.48 -7.42
N ASP C 136 41.36 -24.54 -7.95
CA ASP C 136 41.69 -23.13 -7.85
C ASP C 136 41.73 -22.69 -6.38
N LEU C 137 40.90 -23.31 -5.54
CA LEU C 137 40.88 -23.02 -4.11
C LEU C 137 42.19 -23.43 -3.44
N PHE C 138 42.59 -24.68 -3.66
CA PHE C 138 43.82 -25.18 -3.07
C PHE C 138 45.05 -24.42 -3.59
N LEU C 139 45.02 -24.02 -4.84
CA LEU C 139 46.11 -23.23 -5.42
C LEU C 139 46.19 -21.86 -4.74
N HIS C 140 45.05 -21.20 -4.55
CA HIS C 140 45.02 -19.86 -3.98
C HIS C 140 45.62 -19.82 -2.59
N HIS C 141 45.30 -20.82 -1.78
CA HIS C 141 45.88 -20.98 -0.44
C HIS C 141 47.24 -21.69 -0.43
N LYS C 142 47.79 -21.94 -1.62
CA LYS C 142 49.15 -22.51 -1.79
C LYS C 142 49.33 -23.78 -0.98
N LYS C 143 48.33 -24.66 -1.13
CA LYS C 143 48.28 -25.98 -0.53
C LYS C 143 48.33 -27.01 -1.66
N ALA C 144 49.33 -27.86 -1.63
CA ALA C 144 49.51 -28.87 -2.66
C ALA C 144 48.44 -29.93 -2.52
N ILE C 145 47.99 -30.43 -3.67
CA ILE C 145 46.96 -31.46 -3.71
C ILE C 145 47.13 -32.21 -5.02
N SER C 146 46.99 -33.53 -4.95
CA SER C 146 47.07 -34.40 -6.10
C SER C 146 45.70 -34.53 -6.77
N GLU C 147 45.71 -34.99 -8.02
CA GLU C 147 44.47 -35.23 -8.75
C GLU C 147 43.63 -36.30 -8.08
N ALA C 148 44.28 -37.30 -7.46
CA ALA C 148 43.53 -38.32 -6.73
C ALA C 148 42.83 -37.70 -5.52
N LYS C 149 43.54 -36.85 -4.79
CA LYS C 149 42.96 -36.13 -3.64
C LYS C 149 41.86 -35.19 -4.05
N LEU C 150 42.09 -34.44 -5.12
CA LEU C 150 41.14 -33.56 -5.71
C LEU C 150 39.83 -34.29 -6.10
N GLU C 151 39.94 -35.49 -6.64
CA GLU C 151 38.76 -36.28 -6.95
C GLU C 151 38.05 -36.75 -5.68
N GLU C 152 38.81 -37.01 -4.63
CA GLU C 152 38.20 -37.50 -3.40
C GLU C 152 37.43 -36.37 -2.72
N TYR C 153 38.04 -35.20 -2.65
CA TYR C 153 37.39 -34.07 -1.98
C TYR C 153 36.16 -33.56 -2.74
N THR C 154 36.17 -33.69 -4.06
CA THR C 154 34.99 -33.33 -4.86
C THR C 154 33.80 -34.20 -4.47
N GLY C 155 33.99 -35.50 -4.46
CA GLY C 155 32.95 -36.41 -3.99
C GLY C 155 32.49 -36.13 -2.55
N THR C 156 33.43 -35.76 -1.68
CA THR C 156 33.07 -35.49 -0.28
C THR C 156 32.25 -34.22 -0.16
N MET C 157 32.62 -33.21 -0.93
CA MET C 157 31.89 -31.96 -0.93
C MET C 157 30.54 -32.10 -1.57
N MET C 158 30.42 -32.88 -2.63
CA MET C 158 29.10 -33.25 -3.13
C MET C 158 28.25 -33.92 -2.04
N LYS C 159 28.84 -34.85 -1.32
CA LYS C 159 28.09 -35.55 -0.28
C LYS C 159 27.55 -34.59 0.79
N ILE C 160 28.27 -33.50 1.09
CA ILE C 160 27.81 -32.57 2.11
C ILE C 160 26.77 -31.59 1.53
N PHE C 161 27.05 -31.02 0.36
CA PHE C 161 26.30 -29.91 -0.14
C PHE C 161 25.25 -30.21 -1.21
N ASP C 162 25.33 -31.39 -1.84
CA ASP C 162 24.28 -31.82 -2.75
C ASP C 162 23.28 -32.62 -1.93
N ARG C 163 22.33 -31.96 -1.31
CA ARG C 163 21.54 -32.67 -0.27
C ARG C 163 20.46 -33.63 -0.82
N ASN C 164 19.87 -33.27 -1.96
CA ASN C 164 19.00 -34.18 -2.70
C ASN C 164 19.69 -35.20 -3.66
N LYS C 165 21.02 -35.20 -3.72
CA LYS C 165 21.77 -36.27 -4.37
C LYS C 165 21.52 -36.40 -5.88
N ASP C 166 21.30 -35.28 -6.57
CA ASP C 166 21.00 -35.34 -8.01
C ASP C 166 22.20 -34.96 -8.89
N GLY C 167 23.37 -34.77 -8.29
CA GLY C 167 24.56 -34.34 -9.02
C GLY C 167 24.64 -32.85 -9.32
N ARG C 168 23.68 -32.07 -8.83
CA ARG C 168 23.57 -30.66 -9.14
C ARG C 168 23.74 -29.82 -7.87
N LEU C 169 24.73 -28.92 -7.87
CA LEU C 169 24.81 -27.91 -6.84
C LEU C 169 24.09 -26.66 -7.30
N ASP C 170 23.09 -26.26 -6.53
CA ASP C 170 22.33 -25.06 -6.82
C ASP C 170 23.03 -23.80 -6.34
N LEU C 171 22.51 -22.69 -6.84
CA LEU C 171 22.90 -21.36 -6.44
C LEU C 171 23.06 -21.30 -4.92
N ASN C 172 21.99 -21.69 -4.23
CA ASN C 172 22.00 -21.75 -2.79
C ASN C 172 23.10 -22.68 -2.23
N ASP C 173 23.33 -23.81 -2.88
CA ASP C 173 24.34 -24.76 -2.47
C ASP C 173 25.73 -24.13 -2.49
N LEU C 174 26.10 -23.50 -3.59
CA LEU C 174 27.38 -22.77 -3.64
C LEU C 174 27.45 -21.70 -2.58
N ALA C 175 26.33 -21.03 -2.31
CA ALA C 175 26.28 -20.01 -1.29
C ALA C 175 26.61 -20.61 0.07
N ARG C 176 26.15 -21.83 0.33
CA ARG C 176 26.42 -22.46 1.62
C ARG C 176 27.88 -22.90 1.67
N ILE C 177 28.40 -23.42 0.56
CA ILE C 177 29.85 -23.71 0.46
C ILE C 177 30.69 -22.48 0.81
N LEU C 178 30.25 -21.32 0.33
CA LEU C 178 30.98 -20.06 0.54
C LEU C 178 30.60 -19.32 1.81
N ALA C 179 29.68 -19.90 2.60
CA ALA C 179 29.14 -19.25 3.80
C ALA C 179 28.73 -17.83 3.51
N LEU C 180 28.08 -17.63 2.36
CA LEU C 180 27.61 -16.32 2.00
C LEU C 180 26.74 -15.77 3.14
N GLN C 181 27.00 -14.53 3.51
CA GLN C 181 26.29 -13.87 4.60
C GLN C 181 24.86 -13.54 4.18
N GLU C 182 24.08 -13.02 5.12
CA GLU C 182 22.67 -12.82 4.85
C GLU C 182 22.44 -11.72 3.83
N ASN C 183 21.26 -11.79 3.21
CA ASN C 183 20.81 -10.85 2.21
C ASN C 183 21.04 -9.40 2.72
N PHE C 184 21.90 -8.66 2.03
CA PHE C 184 22.22 -7.27 2.36
C PHE C 184 20.97 -6.38 2.43
N LEU C 185 20.00 -6.62 1.56
CA LEU C 185 18.83 -5.78 1.53
C LEU C 185 17.96 -5.90 2.77
N LEU C 186 18.09 -6.99 3.54
CA LEU C 186 17.18 -7.28 4.66
C LEU C 186 17.26 -6.25 5.77
N GLN C 187 18.40 -5.57 5.89
CA GLN C 187 18.57 -4.55 6.92
C GLN C 187 17.67 -3.31 6.73
N PHE C 188 17.01 -3.17 5.59
CA PHE C 188 16.29 -1.93 5.31
C PHE C 188 14.86 -2.00 5.81
N LYS C 189 14.37 -0.88 6.34
CA LYS C 189 13.14 -0.88 7.14
C LYS C 189 12.00 -0.18 6.41
N MET C 190 10.80 -0.71 6.60
CA MET C 190 9.60 -0.14 6.01
C MET C 190 9.31 1.26 6.50
N ASP C 191 9.71 1.53 7.74
CA ASP C 191 9.40 2.84 8.34
C ASP C 191 10.46 3.89 8.13
N ALA C 192 11.57 3.59 7.46
CA ALA C 192 12.56 4.64 7.12
C ALA C 192 12.16 5.31 5.80
N CYS C 193 11.01 5.99 5.86
CA CYS C 193 10.29 6.43 4.69
C CYS C 193 10.57 7.91 4.30
N SER C 194 11.28 8.68 5.12
CA SER C 194 11.56 10.07 4.76
C SER C 194 12.46 10.13 3.50
N THR C 195 12.44 11.29 2.86
CA THR C 195 13.18 11.48 1.63
C THR C 195 14.68 11.27 1.86
N GLU C 196 15.19 11.81 2.95
CA GLU C 196 16.59 11.69 3.32
C GLU C 196 16.99 10.25 3.70
N GLU C 197 16.11 9.58 4.43
CA GLU C 197 16.33 8.20 4.80
C GLU C 197 16.33 7.32 3.55
N ARG C 198 15.40 7.56 2.65
CA ARG C 198 15.34 6.78 1.42
C ARG C 198 16.60 7.00 0.57
N LYS C 199 17.02 8.26 0.46
CA LYS C 199 18.22 8.58 -0.26
C LYS C 199 19.43 7.91 0.44
N ARG C 200 19.50 8.02 1.77
CA ARG C 200 20.57 7.32 2.52
C ARG C 200 20.65 5.85 2.16
N ASP C 201 19.51 5.16 2.22
CA ASP C 201 19.43 3.74 1.97
C ASP C 201 19.67 3.41 0.52
N PHE C 202 19.10 4.19 -0.38
CA PHE C 202 19.42 4.03 -1.80
C PHE C 202 20.90 4.14 -2.08
N GLU C 203 21.55 5.16 -1.53
CA GLU C 203 22.98 5.33 -1.76
C GLU C 203 23.79 4.16 -1.19
N LYS C 204 23.43 3.66 0.00
CA LYS C 204 24.11 2.46 0.56
C LYS C 204 23.92 1.25 -0.34
N ILE C 205 22.72 1.11 -0.90
CA ILE C 205 22.41 0.02 -1.77
C ILE C 205 23.26 0.06 -3.03
N PHE C 206 23.31 1.23 -3.66
CA PHE C 206 24.03 1.34 -4.91
C PHE C 206 25.51 1.16 -4.70
N ALA C 207 26.02 1.65 -3.59
CA ALA C 207 27.42 1.45 -3.24
C ALA C 207 27.76 -0.04 -3.15
N TYR C 208 26.89 -0.81 -2.52
CA TYR C 208 27.14 -2.24 -2.30
C TYR C 208 27.26 -3.01 -3.61
N TYR C 209 26.38 -2.72 -4.56
CA TYR C 209 26.30 -3.48 -5.79
C TYR C 209 27.23 -2.94 -6.88
N ASP C 210 27.46 -1.62 -6.90
CA ASP C 210 28.38 -1.05 -7.91
C ASP C 210 29.81 -1.20 -7.41
N VAL C 211 30.32 -2.43 -7.42
CA VAL C 211 31.65 -2.74 -6.91
C VAL C 211 32.74 -2.10 -7.77
N SER C 212 32.51 -2.09 -9.08
CA SER C 212 33.46 -1.53 -10.01
C SER C 212 33.43 0.00 -10.06
N LYS C 213 32.46 0.63 -9.39
CA LYS C 213 32.39 2.09 -9.23
C LYS C 213 32.27 2.84 -10.55
N THR C 214 31.50 2.27 -11.47
CA THR C 214 31.29 2.89 -12.76
C THR C 214 30.00 3.70 -12.81
N GLY C 215 29.25 3.77 -11.70
CA GLY C 215 27.93 4.39 -11.71
C GLY C 215 26.80 3.60 -12.40
N ALA C 216 27.07 2.33 -12.74
CA ALA C 216 26.02 1.44 -13.24
C ALA C 216 26.29 0.00 -12.77
N LEU C 217 25.25 -0.79 -12.63
CA LEU C 217 25.42 -2.22 -12.39
C LEU C 217 25.65 -2.97 -13.71
N GLU C 218 26.76 -3.72 -13.78
CA GLU C 218 27.06 -4.55 -14.94
C GLU C 218 27.36 -5.98 -14.52
N GLY C 219 26.93 -6.96 -15.32
CA GLY C 219 27.30 -8.36 -15.18
C GLY C 219 26.95 -8.94 -13.81
N PRO C 220 27.98 -9.34 -13.06
CA PRO C 220 27.75 -9.90 -11.72
C PRO C 220 27.07 -8.93 -10.75
N GLU C 221 27.19 -7.64 -11.01
CA GLU C 221 26.57 -6.64 -10.14
C GLU C 221 25.05 -6.70 -10.28
N VAL C 222 24.59 -6.83 -11.52
CA VAL C 222 23.15 -7.00 -11.80
C VAL C 222 22.70 -8.33 -11.17
N ASP C 223 23.52 -9.37 -11.34
CA ASP C 223 23.21 -10.70 -10.81
C ASP C 223 22.97 -10.68 -9.30
N GLY C 224 23.84 -10.02 -8.57
CA GLY C 224 23.73 -10.00 -7.12
C GLY C 224 22.49 -9.25 -6.69
N PHE C 225 22.29 -8.08 -7.29
CA PHE C 225 21.07 -7.32 -7.01
C PHE C 225 19.83 -8.14 -7.29
N VAL C 226 19.86 -8.91 -8.38
CA VAL C 226 18.70 -9.69 -8.74
C VAL C 226 18.42 -10.74 -7.70
N LYS C 227 19.42 -11.52 -7.34
CA LYS C 227 19.25 -12.56 -6.32
C LYS C 227 18.73 -11.95 -5.02
N ASP C 228 19.40 -10.92 -4.52
CA ASP C 228 19.01 -10.29 -3.27
C ASP C 228 17.60 -9.70 -3.33
N MET C 229 17.26 -9.07 -4.45
CA MET C 229 15.91 -8.50 -4.58
C MET C 229 14.82 -9.56 -4.58
N MET C 230 14.99 -10.58 -5.41
CA MET C 230 13.97 -11.60 -5.55
C MET C 230 13.82 -12.42 -4.26
N GLU C 231 14.89 -12.62 -3.53
CA GLU C 231 14.83 -13.41 -2.32
C GLU C 231 14.23 -12.67 -1.11
N LEU C 232 13.94 -11.39 -1.24
CA LEU C 232 13.11 -10.70 -0.25
C LEU C 232 11.73 -11.28 -0.13
N VAL C 233 11.22 -11.80 -1.25
CA VAL C 233 9.81 -12.22 -1.32
C VAL C 233 9.61 -13.65 -1.76
N GLN C 234 10.68 -14.35 -2.11
CA GLN C 234 10.54 -15.75 -2.41
C GLN C 234 11.70 -16.53 -1.87
N PRO C 235 11.55 -17.86 -1.72
CA PRO C 235 12.66 -18.64 -1.13
C PRO C 235 13.85 -18.67 -2.12
N SER C 236 15.04 -19.00 -1.62
CA SER C 236 16.23 -19.05 -2.44
C SER C 236 16.03 -19.45 -3.91
N ILE C 237 16.44 -18.60 -4.84
CA ILE C 237 16.17 -18.84 -6.24
C ILE C 237 17.20 -19.79 -6.86
N SER C 238 16.82 -20.44 -7.96
CA SER C 238 17.72 -21.20 -8.83
C SER C 238 18.55 -20.29 -9.69
N GLY C 239 19.57 -20.88 -10.30
CA GLY C 239 20.37 -20.23 -11.32
C GLY C 239 19.61 -20.02 -12.61
N VAL C 240 18.64 -20.87 -12.86
CA VAL C 240 17.82 -20.67 -14.03
C VAL C 240 16.85 -19.53 -13.74
N ASP C 241 16.31 -19.50 -12.54
CA ASP C 241 15.43 -18.40 -12.09
C ASP C 241 16.20 -17.08 -12.09
N LEU C 242 17.45 -17.10 -11.68
CA LEU C 242 18.24 -15.88 -11.65
C LEU C 242 18.35 -15.26 -13.03
N ASP C 243 18.73 -16.08 -14.02
CA ASP C 243 18.82 -15.62 -15.42
C ASP C 243 17.51 -15.08 -15.93
N LYS C 244 16.42 -15.70 -15.54
CA LYS C 244 15.10 -15.34 -16.02
C LYS C 244 14.66 -14.01 -15.37
N PHE C 245 14.90 -13.87 -14.07
CA PHE C 245 14.54 -12.64 -13.38
C PHE C 245 15.46 -11.50 -13.76
N ARG C 246 16.71 -11.80 -14.10
CA ARG C 246 17.65 -10.77 -14.61
C ARG C 246 17.11 -10.13 -15.88
N GLU C 247 16.69 -10.97 -16.79
CA GLU C 247 16.14 -10.54 -18.05
C GLU C 247 14.89 -9.70 -17.79
N ILE C 248 14.05 -10.17 -16.90
CA ILE C 248 12.81 -9.46 -16.60
C ILE C 248 13.09 -8.10 -16.01
N LEU C 249 14.04 -8.03 -15.06
CA LEU C 249 14.37 -6.76 -14.42
C LEU C 249 14.90 -5.73 -15.44
N LEU C 250 15.76 -6.17 -16.35
CA LEU C 250 16.27 -5.30 -17.40
C LEU C 250 15.16 -4.82 -18.35
N ARG C 251 14.25 -5.73 -18.70
CA ARG C 251 13.11 -5.35 -19.53
C ARG C 251 12.28 -4.24 -18.82
N HIS C 252 12.21 -4.29 -17.50
CA HIS C 252 11.50 -3.29 -16.69
C HIS C 252 12.22 -1.96 -16.52
N CYS C 253 13.54 -1.96 -16.28
CA CYS C 253 14.21 -0.72 -15.87
C CYS C 253 15.37 -0.22 -16.73
N ASP C 254 15.75 -0.96 -17.75
CA ASP C 254 16.88 -0.57 -18.56
C ASP C 254 16.44 0.47 -19.61
N VAL C 255 16.26 1.69 -19.15
CA VAL C 255 15.72 2.76 -19.98
C VAL C 255 16.49 2.93 -21.28
N ASN C 256 17.82 2.95 -21.22
CA ASN C 256 18.61 3.17 -22.43
C ASN C 256 18.99 1.88 -23.16
N LYS C 257 18.47 0.74 -22.69
CA LYS C 257 18.61 -0.54 -23.38
C LYS C 257 20.05 -0.92 -23.64
N ASP C 258 20.96 -0.47 -22.78
CA ASP C 258 22.39 -0.80 -22.91
C ASP C 258 22.72 -2.07 -22.13
N GLY C 259 21.71 -2.72 -21.56
CA GLY C 259 21.92 -3.96 -20.82
C GLY C 259 22.60 -3.78 -19.46
N LYS C 260 22.77 -2.51 -19.02
CA LYS C 260 23.28 -2.19 -17.68
C LYS C 260 22.25 -1.36 -16.93
N ILE C 261 22.29 -1.40 -15.60
CA ILE C 261 21.43 -0.56 -14.80
C ILE C 261 22.20 0.66 -14.30
N GLN C 262 22.01 1.79 -14.97
CA GLN C 262 22.56 3.05 -14.48
C GLN C 262 21.93 3.47 -13.13
N LYS C 263 22.69 4.20 -12.34
CA LYS C 263 22.21 4.64 -11.03
C LYS C 263 20.87 5.38 -11.11
N SER C 264 20.71 6.20 -12.13
CA SER C 264 19.51 6.97 -12.30
C SER C 264 18.35 6.09 -12.75
N GLU C 265 18.63 5.03 -13.54
CA GLU C 265 17.65 3.99 -13.85
C GLU C 265 17.14 3.28 -12.57
N LEU C 266 18.02 2.85 -11.69
CA LEU C 266 17.61 2.17 -10.47
C LEU C 266 16.89 3.10 -9.50
N ALA C 267 17.31 4.36 -9.50
CA ALA C 267 16.67 5.34 -8.65
C ALA C 267 15.20 5.53 -9.06
N LEU C 268 14.94 5.66 -10.37
CA LEU C 268 13.59 5.86 -10.82
C LEU C 268 12.74 4.61 -10.57
N CYS C 269 13.27 3.42 -10.79
CA CYS C 269 12.45 2.25 -10.59
C CYS C 269 12.09 2.05 -9.10
N LEU C 270 12.88 2.59 -8.17
CA LEU C 270 12.56 2.51 -6.72
C LEU C 270 11.90 3.76 -6.15
N GLY C 271 11.55 4.69 -7.04
CA GLY C 271 10.82 5.88 -6.63
C GLY C 271 11.61 6.96 -5.93
N LEU C 272 12.90 7.03 -6.17
CA LEU C 272 13.72 8.04 -5.51
C LEU C 272 13.25 9.46 -5.90
N LYS C 273 12.99 10.27 -4.88
CA LYS C 273 12.41 11.60 -5.08
C LYS C 273 13.20 12.41 -6.11
N ILE C 274 14.50 12.49 -5.95
CA ILE C 274 15.35 13.22 -6.89
C ILE C 274 16.24 12.25 -7.65
N ASN C 275 16.08 12.25 -8.96
CA ASN C 275 16.88 11.38 -9.80
C ASN C 275 18.32 11.90 -9.80
N PRO C 276 19.28 11.07 -9.33
CA PRO C 276 20.68 11.47 -9.23
C PRO C 276 21.30 11.84 -10.58
N LEU D 12 -28.37 45.52 -21.28
CA LEU D 12 -27.96 44.23 -20.63
C LEU D 12 -26.65 43.70 -21.20
N ASP D 13 -25.64 43.59 -20.34
CA ASP D 13 -24.35 42.98 -20.72
C ASP D 13 -24.17 41.61 -20.07
N ALA D 14 -23.29 40.83 -20.69
CA ALA D 14 -23.00 39.46 -20.28
C ALA D 14 -22.84 39.29 -18.76
N ALA D 15 -22.17 40.25 -18.13
CA ALA D 15 -21.96 40.22 -16.67
C ALA D 15 -23.27 40.31 -15.93
N GLY D 16 -24.17 41.16 -16.41
CA GLY D 16 -25.47 41.30 -15.77
C GLY D 16 -26.32 40.07 -15.96
N PHE D 17 -26.33 39.55 -17.18
CA PHE D 17 -27.01 38.28 -17.44
C PHE D 17 -26.43 37.18 -16.56
N TRP D 18 -25.10 37.16 -16.42
CA TRP D 18 -24.42 36.12 -15.66
C TRP D 18 -24.78 36.15 -14.19
N GLN D 19 -24.78 37.34 -13.61
CA GLN D 19 -25.21 37.53 -12.23
C GLN D 19 -26.65 36.98 -12.02
N VAL D 20 -27.53 37.21 -12.98
CA VAL D 20 -28.90 36.68 -12.90
C VAL D 20 -28.91 35.15 -13.05
N TRP D 21 -28.17 34.67 -14.03
CA TRP D 21 -28.02 33.20 -14.22
C TRP D 21 -27.48 32.51 -12.97
N GLN D 22 -26.67 33.22 -12.18
CA GLN D 22 -26.04 32.70 -10.96
C GLN D 22 -27.04 32.22 -9.90
N ARG D 23 -28.11 32.98 -9.69
CA ARG D 23 -29.11 32.61 -8.67
C ARG D 23 -29.59 31.17 -8.87
N PHE D 24 -29.71 30.73 -10.12
CA PHE D 24 -30.28 29.40 -10.43
C PHE D 24 -29.29 28.35 -10.86
N ASP D 25 -28.16 28.75 -11.42
CA ASP D 25 -27.13 27.81 -11.87
C ASP D 25 -25.76 28.28 -11.46
N ALA D 26 -25.50 28.26 -10.14
CA ALA D 26 -24.25 28.80 -9.63
C ALA D 26 -23.05 27.94 -10.00
N ASP D 27 -23.27 26.62 -10.18
CA ASP D 27 -22.15 25.69 -10.45
C ASP D 27 -22.20 25.10 -11.87
N GLU D 28 -22.82 25.85 -12.78
CA GLU D 28 -22.66 25.61 -14.21
C GLU D 28 -23.08 24.21 -14.65
N LYS D 29 -24.25 23.78 -14.21
CA LYS D 29 -24.96 22.68 -14.88
C LYS D 29 -25.07 23.01 -16.38
N GLY D 30 -25.31 24.29 -16.68
CA GLY D 30 -25.53 24.77 -18.04
C GLY D 30 -26.99 25.10 -18.34
N TYR D 31 -27.90 24.83 -17.39
CA TYR D 31 -29.32 24.94 -17.61
C TYR D 31 -30.02 25.36 -16.32
N ILE D 32 -31.32 25.62 -16.43
CA ILE D 32 -32.20 25.82 -15.28
C ILE D 32 -33.43 24.94 -15.49
N GLU D 33 -34.33 24.93 -14.50
CA GLU D 33 -35.52 24.05 -14.54
C GLU D 33 -36.81 24.85 -14.72
N GLU D 34 -37.83 24.14 -15.16
CA GLU D 34 -39.03 24.76 -15.76
C GLU D 34 -39.89 25.58 -14.80
N LYS D 35 -39.81 25.30 -13.49
CA LYS D 35 -40.45 26.16 -12.50
C LYS D 35 -39.47 27.13 -11.84
N GLU D 36 -38.20 27.08 -12.25
CA GLU D 36 -37.30 28.21 -12.03
C GLU D 36 -37.58 29.30 -13.07
N LEU D 37 -37.89 28.86 -14.29
CA LEU D 37 -38.10 29.73 -15.47
C LEU D 37 -38.83 31.06 -15.19
N ASP D 38 -40.03 30.95 -14.64
CA ASP D 38 -40.84 32.14 -14.35
C ASP D 38 -40.11 33.06 -13.36
N ALA D 39 -39.54 32.46 -12.32
CA ALA D 39 -38.79 33.26 -11.36
C ALA D 39 -37.54 33.83 -12.05
N PHE D 40 -37.11 33.18 -13.14
CA PHE D 40 -35.95 33.65 -13.86
C PHE D 40 -36.32 34.88 -14.63
N PHE D 41 -37.43 34.82 -15.37
CA PHE D 41 -37.85 35.97 -16.15
C PHE D 41 -38.16 37.10 -15.23
N LEU D 42 -38.87 36.81 -14.15
CA LEU D 42 -39.15 37.79 -13.10
C LEU D 42 -37.89 38.50 -12.71
N HIS D 43 -36.91 37.74 -12.24
CA HIS D 43 -35.69 38.32 -11.74
C HIS D 43 -34.88 39.06 -12.80
N MET D 44 -34.93 38.55 -14.02
CA MET D 44 -34.26 39.15 -15.15
C MET D 44 -34.96 40.42 -15.53
N LEU D 45 -36.28 40.30 -15.63
CA LEU D 45 -37.10 41.41 -16.05
C LEU D 45 -36.94 42.47 -15.00
N MET D 46 -36.81 42.06 -13.74
CA MET D 46 -36.54 43.00 -12.67
C MET D 46 -35.21 43.70 -12.95
N LYS D 47 -34.24 42.96 -13.46
CA LYS D 47 -32.93 43.53 -13.72
C LYS D 47 -32.87 44.60 -14.83
N LEU D 48 -33.65 44.43 -15.89
CA LEU D 48 -33.72 45.44 -16.95
C LEU D 48 -34.37 46.76 -16.49
N GLY D 49 -34.65 46.93 -15.18
CA GLY D 49 -35.35 48.09 -14.65
C GLY D 49 -36.73 48.17 -15.24
N THR D 50 -37.61 47.24 -14.88
CA THR D 50 -38.96 47.26 -15.47
C THR D 50 -40.05 47.56 -14.46
N ASP D 51 -40.99 48.36 -14.94
CA ASP D 51 -42.08 48.89 -14.14
C ASP D 51 -43.06 47.80 -13.70
N ASP D 52 -43.68 47.99 -12.53
CA ASP D 52 -44.67 47.04 -12.03
C ASP D 52 -45.87 47.05 -12.97
N THR D 53 -46.12 48.19 -13.59
CA THR D 53 -47.22 48.32 -14.52
C THR D 53 -47.00 47.54 -15.81
N VAL D 54 -45.77 47.37 -16.26
CA VAL D 54 -45.53 46.59 -17.49
C VAL D 54 -45.10 45.13 -17.23
N MET D 55 -44.97 44.73 -15.98
CA MET D 55 -44.37 43.44 -15.66
C MET D 55 -45.12 42.20 -16.19
N LYS D 56 -46.41 42.16 -15.96
CA LYS D 56 -47.14 40.95 -16.29
C LYS D 56 -47.20 40.73 -17.81
N ALA D 57 -47.24 41.80 -18.58
CA ALA D 57 -47.26 41.64 -20.03
C ALA D 57 -45.91 41.21 -20.55
N ASN D 58 -44.88 41.91 -20.12
CA ASN D 58 -43.57 41.64 -20.63
C ASN D 58 -43.27 40.20 -20.31
N LEU D 59 -43.65 39.78 -19.11
CA LEU D 59 -43.42 38.41 -18.69
C LEU D 59 -44.16 37.51 -19.64
N HIS D 60 -45.43 37.82 -19.88
CA HIS D 60 -46.22 37.03 -20.80
C HIS D 60 -45.56 36.93 -22.18
N LYS D 61 -45.21 38.07 -22.75
CA LYS D 61 -44.68 38.08 -24.11
C LYS D 61 -43.41 37.28 -24.19
N VAL D 62 -42.57 37.46 -23.18
CA VAL D 62 -41.30 36.80 -23.08
C VAL D 62 -41.49 35.28 -23.04
N LYS D 63 -42.39 34.86 -22.16
CA LYS D 63 -42.66 33.44 -21.97
C LYS D 63 -43.10 32.89 -23.28
N GLN D 64 -43.96 33.65 -23.91
CA GLN D 64 -44.47 33.23 -25.18
C GLN D 64 -43.41 33.08 -26.24
N GLN D 65 -42.53 34.06 -26.35
CA GLN D 65 -41.51 34.02 -27.38
C GLN D 65 -40.69 32.77 -27.20
N PHE D 66 -40.34 32.49 -25.95
CA PHE D 66 -39.55 31.33 -25.66
C PHE D 66 -40.32 30.08 -26.01
N MET D 67 -41.57 30.03 -25.58
CA MET D 67 -42.38 28.84 -25.82
C MET D 67 -42.39 28.58 -27.30
N THR D 68 -42.40 29.69 -28.02
CA THR D 68 -42.39 29.77 -29.44
C THR D 68 -40.96 29.82 -29.98
N THR D 69 -40.12 28.84 -29.68
CA THR D 69 -38.76 28.91 -30.23
C THR D 69 -38.00 27.60 -30.12
N ILE D 78 -34.27 23.72 -19.84
CA ILE D 78 -34.07 25.07 -20.38
C ILE D 78 -32.60 25.47 -20.30
N ARG D 79 -31.93 25.57 -21.45
CA ARG D 79 -30.48 25.78 -21.51
C ARG D 79 -30.07 27.24 -21.71
N MET D 80 -28.81 27.53 -21.42
CA MET D 80 -28.32 28.91 -21.34
C MET D 80 -28.35 29.60 -22.69
N LYS D 81 -28.05 28.88 -23.77
CA LYS D 81 -28.07 29.43 -25.13
C LYS D 81 -29.41 30.10 -25.46
N GLU D 82 -30.50 29.53 -24.96
CA GLU D 82 -31.82 29.99 -25.30
C GLU D 82 -32.11 31.31 -24.61
N LEU D 83 -31.78 31.40 -23.33
CA LEU D 83 -31.96 32.65 -22.59
C LEU D 83 -30.93 33.71 -22.96
N ALA D 84 -29.74 33.28 -23.40
CA ALA D 84 -28.72 34.23 -23.85
C ALA D 84 -29.15 34.96 -25.13
N GLY D 85 -29.73 34.22 -26.09
CA GLY D 85 -30.18 34.81 -27.37
C GLY D 85 -31.25 35.90 -27.22
N MET D 86 -32.08 35.75 -26.20
CA MET D 86 -33.17 36.70 -25.96
C MET D 86 -32.69 38.04 -25.38
N PHE D 87 -31.77 37.98 -24.42
CA PHE D 87 -31.43 39.14 -23.62
C PHE D 87 -30.07 39.77 -23.91
N LEU D 88 -29.30 39.18 -24.82
CA LEU D 88 -27.93 39.64 -25.10
C LEU D 88 -27.71 39.84 -26.59
N SER D 89 -26.75 40.71 -26.93
CA SER D 89 -26.31 40.89 -28.33
C SER D 89 -25.62 39.63 -28.85
N GLU D 90 -25.43 39.59 -30.17
CA GLU D 90 -24.77 38.46 -30.77
C GLU D 90 -23.28 38.40 -30.34
N ASP D 91 -22.66 39.56 -30.08
CA ASP D 91 -21.30 39.60 -29.60
C ASP D 91 -21.21 39.15 -28.13
N GLU D 92 -22.23 39.40 -27.32
CA GLU D 92 -22.18 38.95 -25.92
C GLU D 92 -22.62 37.50 -25.73
N ASN D 93 -23.47 37.01 -26.62
CA ASN D 93 -23.73 35.57 -26.71
C ASN D 93 -22.41 34.87 -27.01
N PHE D 94 -21.72 35.36 -28.03
CA PHE D 94 -20.44 34.81 -28.43
C PHE D 94 -19.49 34.65 -27.21
N LEU D 95 -19.40 35.71 -26.41
CA LEU D 95 -18.54 35.71 -25.21
C LEU D 95 -18.88 34.58 -24.26
N LEU D 96 -20.17 34.33 -24.06
CA LEU D 96 -20.61 33.30 -23.12
C LEU D 96 -20.64 31.90 -23.72
N LEU D 97 -20.73 31.79 -25.05
CA LEU D 97 -20.97 30.50 -25.69
C LEU D 97 -19.96 30.09 -26.77
N PHE D 98 -18.91 30.88 -27.00
CA PHE D 98 -17.93 30.52 -28.06
C PHE D 98 -17.26 29.18 -27.83
N ARG D 99 -17.11 28.81 -26.56
CA ARG D 99 -16.53 27.53 -26.22
C ARG D 99 -17.53 26.53 -25.68
N ARG D 100 -18.65 27.04 -25.20
CA ARG D 100 -19.65 26.19 -24.62
C ARG D 100 -20.15 25.17 -25.63
N GLU D 101 -20.15 25.54 -26.90
CA GLU D 101 -20.52 24.64 -27.99
C GLU D 101 -19.36 23.80 -28.51
N ASN D 102 -18.15 24.23 -28.18
CA ASN D 102 -16.95 23.59 -28.66
C ASN D 102 -15.94 23.42 -27.53
N PRO D 103 -16.27 22.64 -26.49
CA PRO D 103 -15.33 22.65 -25.35
C PRO D 103 -13.96 22.08 -25.67
N LEU D 104 -12.95 22.62 -25.01
CA LEU D 104 -11.58 22.21 -25.24
C LEU D 104 -11.37 20.82 -24.65
N ASP D 105 -11.00 19.88 -25.50
CA ASP D 105 -10.90 18.49 -25.11
C ASP D 105 -9.53 18.09 -24.52
N SER D 106 -8.47 18.84 -24.83
CA SER D 106 -7.13 18.49 -24.47
C SER D 106 -6.52 19.50 -23.50
N SER D 107 -6.02 19.03 -22.36
CA SER D 107 -5.32 19.91 -21.41
C SER D 107 -3.96 20.39 -21.98
N VAL D 108 -3.42 19.67 -22.96
CA VAL D 108 -2.20 20.12 -23.63
C VAL D 108 -2.48 21.39 -24.45
N GLU D 109 -3.49 21.33 -25.30
CA GLU D 109 -3.88 22.50 -26.05
C GLU D 109 -4.17 23.69 -25.11
N PHE D 110 -4.84 23.39 -23.99
CA PHE D 110 -5.13 24.39 -22.99
C PHE D 110 -3.89 25.10 -22.50
N MET D 111 -2.85 24.36 -22.21
CA MET D 111 -1.62 24.94 -21.68
C MET D 111 -0.76 25.63 -22.73
N GLN D 112 -0.94 25.27 -23.99
CA GLN D 112 -0.32 26.01 -25.10
C GLN D 112 -0.92 27.43 -25.17
N ILE D 113 -2.24 27.52 -25.02
CA ILE D 113 -2.95 28.77 -24.92
C ILE D 113 -2.49 29.52 -23.67
N TRP D 114 -2.52 28.88 -22.51
CA TRP D 114 -2.05 29.52 -21.28
C TRP D 114 -0.65 30.12 -21.45
N ARG D 115 0.31 29.31 -21.89
CA ARG D 115 1.68 29.80 -22.13
C ARG D 115 1.71 30.95 -23.10
N LYS D 116 0.87 30.86 -24.15
CA LYS D 116 0.82 31.91 -25.20
C LYS D 116 0.43 33.25 -24.61
N TYR D 117 -0.63 33.27 -23.82
CA TYR D 117 -1.20 34.51 -23.31
C TYR D 117 -0.63 34.99 -21.96
N ASP D 118 0.01 34.09 -21.20
CA ASP D 118 0.78 34.49 -20.03
C ASP D 118 2.18 34.85 -20.51
N ALA D 119 2.25 35.91 -21.29
CA ALA D 119 3.46 36.24 -22.04
C ALA D 119 4.62 36.66 -21.11
N ASP D 120 4.29 37.23 -19.94
CA ASP D 120 5.29 37.58 -18.93
C ASP D 120 5.56 36.44 -17.95
N SER D 121 4.95 35.28 -18.15
CA SER D 121 5.17 34.11 -17.30
C SER D 121 4.90 34.37 -15.81
N SER D 122 4.03 35.32 -15.51
CA SER D 122 3.76 35.66 -14.11
C SER D 122 2.94 34.58 -13.39
N GLY D 123 2.35 33.63 -14.12
CA GLY D 123 1.47 32.63 -13.52
C GLY D 123 0.01 33.04 -13.43
N PHE D 124 -0.33 34.21 -13.96
CA PHE D 124 -1.70 34.71 -13.99
C PHE D 124 -1.93 35.51 -15.25
N ILE D 125 -3.18 35.50 -15.71
CA ILE D 125 -3.56 36.27 -16.90
C ILE D 125 -4.06 37.60 -16.37
N SER D 126 -3.32 38.66 -16.65
CA SER D 126 -3.79 40.03 -16.30
C SER D 126 -4.86 40.53 -17.28
N ALA D 127 -5.54 41.60 -16.90
CA ALA D 127 -6.46 42.33 -17.80
C ALA D 127 -5.84 42.56 -19.20
N ALA D 128 -4.58 42.97 -19.26
CA ALA D 128 -3.99 43.28 -20.55
C ALA D 128 -3.83 41.98 -21.41
N GLU D 129 -3.47 40.88 -20.75
CA GLU D 129 -3.37 39.58 -21.43
C GLU D 129 -4.74 39.04 -21.84
N LEU D 130 -5.75 39.25 -21.02
CA LEU D 130 -7.11 38.88 -21.41
C LEU D 130 -7.56 39.67 -22.65
N ARG D 131 -7.24 40.96 -22.70
CA ARG D 131 -7.55 41.77 -23.89
C ARG D 131 -6.91 41.21 -25.15
N ASN D 132 -5.65 40.77 -25.03
CA ASN D 132 -4.99 40.14 -26.18
C ASN D 132 -5.65 38.84 -26.58
N PHE D 133 -5.97 38.01 -25.59
CA PHE D 133 -6.73 36.77 -25.82
C PHE D 133 -8.01 37.05 -26.60
N LEU D 134 -8.74 38.09 -26.21
CA LEU D 134 -10.04 38.39 -26.82
C LEU D 134 -9.88 39.02 -28.20
N ARG D 135 -8.87 39.84 -28.38
CA ARG D 135 -8.58 40.42 -29.70
C ARG D 135 -8.36 39.30 -30.73
N ASP D 136 -7.48 38.35 -30.40
CA ASP D 136 -7.20 37.23 -31.27
C ASP D 136 -8.44 36.38 -31.47
N LEU D 137 -9.17 36.15 -30.37
CA LEU D 137 -10.43 35.40 -30.42
C LEU D 137 -11.42 35.95 -31.44
N PHE D 138 -11.66 37.24 -31.39
CA PHE D 138 -12.58 37.87 -32.33
C PHE D 138 -12.08 37.82 -33.78
N LEU D 139 -10.79 38.10 -33.98
CA LEU D 139 -10.18 37.98 -35.31
C LEU D 139 -10.28 36.57 -35.86
N HIS D 140 -10.16 35.58 -34.99
CA HIS D 140 -10.23 34.19 -35.38
C HIS D 140 -11.61 33.85 -35.94
N HIS D 141 -12.63 34.40 -35.31
CA HIS D 141 -13.98 34.21 -35.80
C HIS D 141 -14.40 35.30 -36.79
N LYS D 142 -13.41 35.94 -37.40
CA LYS D 142 -13.61 36.95 -38.43
C LYS D 142 -14.67 37.97 -38.02
N LYS D 143 -14.38 38.67 -36.92
CA LYS D 143 -15.29 39.65 -36.30
C LYS D 143 -14.51 40.91 -35.93
N ALA D 144 -14.85 42.02 -36.56
CA ALA D 144 -14.22 43.31 -36.26
C ALA D 144 -15.05 43.97 -35.19
N ILE D 145 -14.41 44.23 -34.05
CA ILE D 145 -15.05 45.01 -33.01
C ILE D 145 -14.19 46.23 -32.74
N SER D 146 -14.81 47.29 -32.26
CA SER D 146 -14.12 48.54 -32.00
C SER D 146 -13.18 48.34 -30.84
N GLU D 147 -12.25 49.28 -30.67
CA GLU D 147 -11.37 49.26 -29.52
C GLU D 147 -12.15 49.42 -28.22
N ALA D 148 -13.23 50.19 -28.26
CA ALA D 148 -14.05 50.47 -27.08
C ALA D 148 -14.77 49.21 -26.57
N LYS D 149 -15.33 48.43 -27.48
CA LYS D 149 -15.92 47.16 -27.08
C LYS D 149 -14.87 46.13 -26.66
N LEU D 150 -13.73 46.10 -27.33
CA LEU D 150 -12.64 45.28 -26.85
C LEU D 150 -12.41 45.55 -25.34
N GLU D 151 -12.21 46.81 -24.98
CA GLU D 151 -12.06 47.19 -23.55
C GLU D 151 -13.26 46.78 -22.71
N GLU D 152 -14.47 46.99 -23.22
CA GLU D 152 -15.62 46.70 -22.39
C GLU D 152 -15.73 45.18 -22.16
N TYR D 153 -15.48 44.39 -23.20
CA TYR D 153 -15.58 42.96 -23.09
C TYR D 153 -14.53 42.38 -22.16
N THR D 154 -13.30 42.91 -22.22
CA THR D 154 -12.24 42.49 -21.33
C THR D 154 -12.70 42.66 -19.88
N GLY D 155 -13.32 43.79 -19.59
CA GLY D 155 -13.84 44.10 -18.26
C GLY D 155 -14.97 43.22 -17.81
N THR D 156 -15.86 42.90 -18.74
CA THR D 156 -16.97 42.03 -18.45
C THR D 156 -16.46 40.58 -18.19
N MET D 157 -15.64 40.07 -19.10
CA MET D 157 -15.05 38.73 -18.93
C MET D 157 -14.30 38.62 -17.60
N MET D 158 -13.50 39.63 -17.28
CA MET D 158 -12.78 39.65 -16.02
C MET D 158 -13.77 39.55 -14.86
N LYS D 159 -14.79 40.41 -14.87
CA LYS D 159 -15.80 40.43 -13.81
C LYS D 159 -16.49 39.10 -13.67
N ILE D 160 -16.80 38.45 -14.77
CA ILE D 160 -17.48 37.16 -14.74
C ILE D 160 -16.58 36.08 -14.14
N PHE D 161 -15.32 36.03 -14.57
CA PHE D 161 -14.43 34.91 -14.25
C PHE D 161 -13.38 35.17 -13.16
N ASP D 162 -13.19 36.41 -12.73
CA ASP D 162 -12.26 36.71 -11.64
C ASP D 162 -12.92 36.38 -10.28
N ARG D 163 -12.72 35.15 -9.80
CA ARG D 163 -13.43 34.65 -8.59
C ARG D 163 -13.18 35.44 -7.28
N ASN D 164 -11.92 35.59 -6.89
CA ASN D 164 -11.56 36.46 -5.78
C ASN D 164 -11.36 37.70 -6.55
N LYS D 165 -12.06 38.77 -6.28
CA LYS D 165 -11.88 39.91 -7.18
C LYS D 165 -10.51 40.61 -7.08
N ASP D 166 -9.43 39.94 -7.45
CA ASP D 166 -8.10 40.51 -7.29
C ASP D 166 -7.55 41.11 -8.56
N GLY D 167 -8.32 41.11 -9.65
CA GLY D 167 -7.87 41.70 -10.89
C GLY D 167 -7.02 40.86 -11.84
N ARG D 168 -6.79 39.59 -11.54
CA ARG D 168 -6.15 38.72 -12.54
C ARG D 168 -6.84 37.36 -12.60
N LEU D 169 -6.61 36.64 -13.71
CA LEU D 169 -7.21 35.32 -13.92
C LEU D 169 -6.25 34.19 -13.60
N ASP D 170 -6.72 33.21 -12.86
CA ASP D 170 -5.89 32.07 -12.51
C ASP D 170 -6.05 30.96 -13.55
N LEU D 171 -5.23 29.92 -13.39
CA LEU D 171 -5.23 28.76 -14.30
C LEU D 171 -6.63 28.18 -14.51
N ASN D 172 -7.32 27.89 -13.41
CA ASN D 172 -8.68 27.35 -13.48
C ASN D 172 -9.66 28.36 -14.12
N ASP D 173 -9.43 29.65 -13.93
CA ASP D 173 -10.31 30.66 -14.51
C ASP D 173 -10.28 30.63 -16.05
N LEU D 174 -9.10 30.50 -16.63
CA LEU D 174 -9.04 30.37 -18.08
C LEU D 174 -9.64 29.04 -18.50
N ALA D 175 -9.43 28.01 -17.70
CA ALA D 175 -10.04 26.72 -17.96
C ALA D 175 -11.56 26.81 -18.10
N ARG D 176 -12.23 27.54 -17.22
CA ARG D 176 -13.69 27.72 -17.33
C ARG D 176 -14.07 28.56 -18.57
N ILE D 177 -13.29 29.58 -18.87
CA ILE D 177 -13.52 30.38 -20.09
C ILE D 177 -13.46 29.49 -21.37
N LEU D 178 -12.55 28.52 -21.37
CA LEU D 178 -12.35 27.66 -22.52
C LEU D 178 -13.22 26.40 -22.45
N ALA D 179 -14.03 26.27 -21.39
CA ALA D 179 -14.84 25.10 -21.14
C ALA D 179 -14.00 23.82 -21.20
N LEU D 180 -12.85 23.84 -20.53
CA LEU D 180 -11.95 22.67 -20.48
C LEU D 180 -12.65 21.44 -19.93
N GLN D 181 -12.57 20.33 -20.63
CA GLN D 181 -13.25 19.11 -20.21
C GLN D 181 -12.60 18.53 -18.95
N GLU D 182 -13.27 17.56 -18.34
CA GLU D 182 -12.77 16.85 -17.16
C GLU D 182 -11.31 16.40 -17.31
N ASN D 183 -10.61 16.33 -16.19
CA ASN D 183 -9.28 15.73 -16.13
C ASN D 183 -9.29 14.30 -16.76
N PHE D 184 -8.58 14.16 -17.87
CA PHE D 184 -8.46 12.91 -18.60
C PHE D 184 -8.02 11.75 -17.71
N LEU D 185 -7.24 12.04 -16.68
CA LEU D 185 -6.74 10.99 -15.85
C LEU D 185 -7.80 10.35 -14.97
N LEU D 186 -8.90 11.05 -14.71
CA LEU D 186 -9.91 10.52 -13.79
C LEU D 186 -10.68 9.29 -14.27
N GLN D 187 -10.51 8.87 -15.52
CA GLN D 187 -11.22 7.68 -16.02
C GLN D 187 -10.58 6.36 -15.58
N PHE D 188 -9.37 6.44 -15.02
CA PHE D 188 -8.54 5.26 -14.81
C PHE D 188 -8.76 4.78 -13.39
N LYS D 189 -8.82 3.47 -13.22
CA LYS D 189 -9.30 2.92 -11.95
C LYS D 189 -8.26 2.06 -11.29
N MET D 190 -8.29 2.06 -9.96
CA MET D 190 -7.40 1.27 -9.14
C MET D 190 -7.43 -0.21 -9.51
N ASP D 191 -8.62 -0.80 -9.64
CA ASP D 191 -8.73 -2.25 -9.85
C ASP D 191 -8.38 -2.74 -11.26
N ALA D 192 -8.06 -1.85 -12.20
CA ALA D 192 -7.57 -2.24 -13.52
C ALA D 192 -6.07 -2.56 -13.43
N CYS D 193 -5.74 -3.56 -12.60
CA CYS D 193 -4.37 -3.79 -12.14
C CYS D 193 -3.55 -4.81 -12.93
N SER D 194 -4.16 -5.49 -13.89
CA SER D 194 -3.40 -6.47 -14.68
C SER D 194 -2.36 -5.76 -15.54
N THR D 195 -1.37 -6.54 -15.94
CA THR D 195 -0.30 -6.02 -16.78
C THR D 195 -0.84 -5.46 -18.10
N GLU D 196 -1.84 -6.12 -18.68
CA GLU D 196 -2.41 -5.71 -19.98
C GLU D 196 -3.29 -4.47 -19.79
N GLU D 197 -4.02 -4.45 -18.67
CA GLU D 197 -4.79 -3.27 -18.27
C GLU D 197 -3.91 -2.03 -18.08
N ARG D 198 -2.79 -2.21 -17.39
CA ARG D 198 -1.87 -1.10 -17.11
C ARG D 198 -1.17 -0.67 -18.38
N LYS D 199 -0.80 -1.61 -19.24
CA LYS D 199 -0.21 -1.24 -20.51
C LYS D 199 -1.20 -0.48 -21.43
N ARG D 200 -2.41 -1.00 -21.60
CA ARG D 200 -3.45 -0.29 -22.32
C ARG D 200 -3.65 1.14 -21.79
N ASP D 201 -3.81 1.28 -20.48
CA ASP D 201 -4.05 2.61 -19.92
C ASP D 201 -2.82 3.53 -20.08
N PHE D 202 -1.62 3.00 -19.84
CA PHE D 202 -0.43 3.80 -20.09
C PHE D 202 -0.36 4.30 -21.53
N GLU D 203 -0.63 3.43 -22.51
CA GLU D 203 -0.62 3.85 -23.92
C GLU D 203 -1.68 4.92 -24.20
N LYS D 204 -2.88 4.76 -23.63
CA LYS D 204 -3.92 5.78 -23.77
C LYS D 204 -3.45 7.13 -23.23
N ILE D 205 -2.82 7.11 -22.09
CA ILE D 205 -2.31 8.30 -21.44
C ILE D 205 -1.24 9.00 -22.28
N PHE D 206 -0.26 8.25 -22.74
CA PHE D 206 0.84 8.84 -23.48
C PHE D 206 0.39 9.30 -24.85
N ALA D 207 -0.55 8.60 -25.48
CA ALA D 207 -1.12 9.09 -26.74
C ALA D 207 -1.80 10.44 -26.52
N TYR D 208 -2.48 10.59 -25.39
CA TYR D 208 -3.19 11.84 -25.10
C TYR D 208 -2.28 13.04 -24.90
N TYR D 209 -1.17 12.89 -24.17
CA TYR D 209 -0.30 14.03 -23.86
C TYR D 209 0.70 14.34 -24.99
N ASP D 210 1.23 13.32 -25.65
CA ASP D 210 2.20 13.46 -26.73
C ASP D 210 1.50 13.88 -28.01
N VAL D 211 0.98 15.10 -28.01
CA VAL D 211 0.19 15.57 -29.14
C VAL D 211 1.04 15.62 -30.41
N SER D 212 2.31 15.98 -30.28
CA SER D 212 3.22 16.12 -31.42
C SER D 212 3.84 14.82 -31.90
N LYS D 213 3.52 13.72 -31.24
CA LYS D 213 3.91 12.38 -31.70
C LYS D 213 5.42 12.21 -31.85
N THR D 214 6.15 12.75 -30.89
CA THR D 214 7.61 12.70 -30.92
C THR D 214 8.19 11.59 -30.07
N GLY D 215 7.35 10.91 -29.27
CA GLY D 215 7.80 9.89 -28.35
C GLY D 215 8.26 10.41 -27.01
N ALA D 216 8.08 11.72 -26.78
CA ALA D 216 8.50 12.41 -25.52
C ALA D 216 7.53 13.56 -25.30
N LEU D 217 7.17 13.81 -24.04
CA LEU D 217 6.40 14.99 -23.65
C LEU D 217 7.32 16.21 -23.56
N GLU D 218 6.94 17.28 -24.27
CA GLU D 218 7.72 18.53 -24.30
C GLU D 218 6.85 19.77 -24.15
N GLY D 219 7.41 20.77 -23.47
CA GLY D 219 6.74 22.06 -23.29
C GLY D 219 5.34 21.84 -22.74
N PRO D 220 4.31 22.26 -23.49
CA PRO D 220 2.93 22.18 -23.00
C PRO D 220 2.39 20.76 -22.79
N GLU D 221 3.07 19.76 -23.31
CA GLU D 221 2.63 18.40 -23.08
C GLU D 221 2.97 17.99 -21.66
N VAL D 222 4.13 18.45 -21.19
CA VAL D 222 4.51 18.26 -19.78
C VAL D 222 3.52 19.02 -18.89
N ASP D 223 3.31 20.29 -19.22
CA ASP D 223 2.38 21.19 -18.52
C ASP D 223 1.05 20.51 -18.24
N GLY D 224 0.44 20.03 -19.31
CA GLY D 224 -0.88 19.41 -19.22
C GLY D 224 -0.86 18.15 -18.36
N PHE D 225 0.17 17.34 -18.52
CA PHE D 225 0.33 16.16 -17.69
C PHE D 225 0.51 16.51 -16.20
N VAL D 226 1.35 17.52 -15.92
CA VAL D 226 1.59 17.99 -14.56
C VAL D 226 0.30 18.51 -13.94
N LYS D 227 -0.46 19.26 -14.71
CA LYS D 227 -1.72 19.76 -14.21
C LYS D 227 -2.68 18.65 -13.86
N ASP D 228 -2.83 17.71 -14.77
CA ASP D 228 -3.75 16.59 -14.55
C ASP D 228 -3.27 15.68 -13.43
N MET D 229 -1.97 15.45 -13.32
CA MET D 229 -1.47 14.56 -12.28
C MET D 229 -1.65 15.16 -10.86
N MET D 230 -1.27 16.42 -10.71
CA MET D 230 -1.34 17.07 -9.39
C MET D 230 -2.78 17.31 -8.95
N GLU D 231 -3.67 17.53 -9.92
CA GLU D 231 -5.07 17.73 -9.57
C GLU D 231 -5.81 16.45 -9.26
N LEU D 232 -5.15 15.29 -9.35
CA LEU D 232 -5.78 14.09 -8.78
C LEU D 232 -5.87 14.19 -7.26
N VAL D 233 -4.93 14.87 -6.63
CA VAL D 233 -4.74 14.82 -5.16
C VAL D 233 -4.75 16.19 -4.47
N GLN D 234 -4.91 17.26 -5.23
CA GLN D 234 -4.91 18.64 -4.76
C GLN D 234 -6.07 19.36 -5.41
N PRO D 235 -6.58 20.38 -4.76
CA PRO D 235 -7.56 21.25 -5.39
C PRO D 235 -6.94 21.91 -6.62
N SER D 236 -7.73 22.39 -7.55
CA SER D 236 -7.20 22.99 -8.76
C SER D 236 -5.97 23.85 -8.51
N ILE D 237 -4.90 23.59 -9.25
CA ILE D 237 -3.64 24.28 -8.99
C ILE D 237 -3.47 25.63 -9.67
N SER D 238 -2.59 26.44 -9.09
CA SER D 238 -2.31 27.77 -9.65
C SER D 238 -1.23 27.70 -10.73
N GLY D 239 -1.11 28.78 -11.50
CA GLY D 239 -0.05 28.91 -12.51
C GLY D 239 1.33 28.83 -11.91
N VAL D 240 1.57 29.45 -10.77
CA VAL D 240 2.91 29.35 -10.16
C VAL D 240 3.19 27.94 -9.64
N ASP D 241 2.18 27.29 -9.05
CA ASP D 241 2.38 25.93 -8.57
C ASP D 241 2.67 24.96 -9.69
N LEU D 242 2.09 25.21 -10.87
CA LEU D 242 2.34 24.35 -12.01
C LEU D 242 3.82 24.34 -12.35
N ASP D 243 4.38 25.54 -12.53
CA ASP D 243 5.80 25.64 -12.86
C ASP D 243 6.71 25.02 -11.78
N LYS D 244 6.29 25.17 -10.53
CA LYS D 244 6.97 24.55 -9.41
C LYS D 244 6.89 23.02 -9.47
N PHE D 245 5.72 22.46 -9.78
CA PHE D 245 5.56 21.00 -9.80
C PHE D 245 6.18 20.39 -11.07
N ARG D 246 6.15 21.12 -12.16
CA ARG D 246 6.83 20.71 -13.40
C ARG D 246 8.31 20.47 -13.16
N GLU D 247 8.96 21.38 -12.44
CA GLU D 247 10.38 21.22 -12.09
C GLU D 247 10.61 19.97 -11.23
N ILE D 248 9.80 19.83 -10.18
CA ILE D 248 9.87 18.68 -9.30
C ILE D 248 9.65 17.34 -10.05
N LEU D 249 8.65 17.29 -10.92
CA LEU D 249 8.40 16.07 -11.70
C LEU D 249 9.59 15.75 -12.57
N LEU D 250 10.15 16.78 -13.21
CA LEU D 250 11.36 16.58 -14.06
C LEU D 250 12.57 16.11 -13.27
N ARG D 251 12.80 16.70 -12.09
N ARG D 251 12.80 16.71 -12.10
CA ARG D 251 13.88 16.24 -11.23
CA ARG D 251 13.87 16.24 -11.23
C ARG D 251 13.66 14.78 -10.80
C ARG D 251 13.66 14.77 -10.83
N HIS D 252 12.41 14.34 -10.72
CA HIS D 252 12.10 12.98 -10.36
C HIS D 252 12.32 11.98 -11.51
N CYS D 253 11.77 12.27 -12.69
CA CYS D 253 11.68 11.26 -13.75
C CYS D 253 12.53 11.49 -14.97
N ASP D 254 13.20 12.64 -15.09
CA ASP D 254 13.94 12.96 -16.34
C ASP D 254 15.32 12.35 -16.33
N VAL D 255 15.38 11.07 -16.66
CA VAL D 255 16.60 10.25 -16.50
C VAL D 255 17.78 10.81 -17.32
N ASN D 256 17.54 11.19 -18.57
CA ASN D 256 18.60 11.77 -19.41
C ASN D 256 18.75 13.30 -19.25
N LYS D 257 17.94 13.93 -18.40
CA LYS D 257 18.07 15.34 -18.06
C LYS D 257 17.95 16.32 -19.27
N ASP D 258 17.20 15.92 -20.30
CA ASP D 258 17.05 16.74 -21.51
C ASP D 258 15.83 17.67 -21.44
N GLY D 259 15.17 17.77 -20.28
CA GLY D 259 14.02 18.66 -20.14
C GLY D 259 12.71 18.11 -20.71
N LYS D 260 12.75 16.90 -21.24
CA LYS D 260 11.60 16.25 -21.83
C LYS D 260 11.34 14.93 -21.10
N ILE D 261 10.10 14.44 -21.17
CA ILE D 261 9.80 13.12 -20.60
C ILE D 261 9.62 12.09 -21.72
N GLN D 262 10.66 11.30 -21.95
CA GLN D 262 10.54 10.21 -22.92
C GLN D 262 9.51 9.23 -22.40
N LYS D 263 8.80 8.61 -23.32
CA LYS D 263 7.90 7.51 -22.97
C LYS D 263 8.52 6.53 -21.98
N SER D 264 9.72 6.08 -22.28
CA SER D 264 10.39 5.12 -21.42
C SER D 264 10.60 5.67 -19.98
N GLU D 265 10.75 6.97 -19.82
CA GLU D 265 10.88 7.56 -18.49
C GLU D 265 9.53 7.60 -17.76
N LEU D 266 8.44 7.93 -18.48
CA LEU D 266 7.13 7.95 -17.84
C LEU D 266 6.71 6.55 -17.46
N ALA D 267 6.94 5.59 -18.35
CA ALA D 267 6.64 4.20 -18.11
C ALA D 267 7.36 3.66 -16.84
N LEU D 268 8.67 3.87 -16.75
CA LEU D 268 9.40 3.43 -15.57
C LEU D 268 8.95 4.14 -14.30
N CYS D 269 8.55 5.39 -14.40
CA CYS D 269 8.13 6.10 -13.24
C CYS D 269 6.73 5.75 -12.81
N LEU D 270 5.93 5.17 -13.71
CA LEU D 270 4.59 4.67 -13.38
C LEU D 270 4.54 3.15 -13.17
N GLY D 271 5.71 2.51 -13.13
CA GLY D 271 5.79 1.11 -12.72
C GLY D 271 5.46 0.12 -13.82
N LEU D 272 5.47 0.59 -15.08
CA LEU D 272 5.10 -0.28 -16.20
C LEU D 272 6.07 -1.47 -16.24
N LYS D 273 5.52 -2.68 -16.23
CA LYS D 273 6.29 -3.87 -16.19
C LYS D 273 7.33 -3.92 -17.30
N ILE D 274 6.93 -3.69 -18.53
CA ILE D 274 7.85 -3.78 -19.67
C ILE D 274 8.13 -2.36 -20.20
N ASN D 275 9.37 -1.91 -20.06
CA ASN D 275 9.73 -0.60 -20.51
C ASN D 275 9.71 -0.50 -22.04
N PRO D 276 8.92 0.41 -22.60
CA PRO D 276 8.93 0.65 -24.04
C PRO D 276 10.17 1.45 -24.45
#